data_1LD9
#
_entry.id   1LD9
#
_cell.length_a   150.100
_cell.length_b   87.200
_cell.length_c   80.300
_cell.angle_alpha   90.00
_cell.angle_beta   90.00
_cell.angle_gamma   90.00
#
_symmetry.space_group_name_H-M   'P 21 21 2'
#
loop_
_entity.id
_entity.type
_entity.pdbx_description
1 polymer 'MHC CLASS I H-2LD HEAVY CHAIN'
2 polymer 'BETA-2 MICROGLOBULIN'
3 polymer NANO-PEPTIDE
#
loop_
_entity_poly.entity_id
_entity_poly.type
_entity_poly.pdbx_seq_one_letter_code
_entity_poly.pdbx_strand_id
1 'polypeptide(L)'
;GPHSMRYFETAVSRPGLGEPRYISVGYVDNKEFVRFDSDAENPRYEPQAPWMEQEGPEYWERITQIAKGQEQWFRVNLRT
LLGYYNQSAGGTHTLQWMYGCDVGSDGRLLRGYEQFAYDGCDYIALNEDLKTWTAADMAAQITRRKWEQAGAAEYYRAYL
EGECVEWLHRYLKNGNATLLRTDSPKAHVTHHPRSKGEVTLRCWALGFYPADITLTWQLNGEELTQDMELVETRPAGDGT
FQKWASVVVPLGKEQNYTCRVYHEGLPE
;
A,D
2 'polypeptide(L)'
;IQKTPQIQVYSRHPPENGKPNILNCYVTQFHPPHIEIQMLKNGKKIPKVEMSDMSFSKDWSFYILAHTEFTPTETDTYAC
RVKHDSMAEPKTVYWDRDM
;
B,E
3 'polypeptide(L)' YPNVNIHNF C,F
#
# COMPACT_ATOMS: atom_id res chain seq x y z
N GLY A 1 31.34 -4.56 -11.21
CA GLY A 1 31.27 -5.48 -10.02
C GLY A 1 30.19 -6.47 -10.35
N PRO A 2 29.97 -7.75 -10.27
CA PRO A 2 29.82 -8.99 -11.05
C PRO A 2 28.28 -9.52 -10.75
N HIS A 3 27.31 -9.62 -11.65
CA HIS A 3 26.15 -8.62 -12.05
C HIS A 3 25.09 -9.47 -12.98
N SER A 4 23.72 -9.47 -12.62
CA SER A 4 22.73 -10.69 -12.85
C SER A 4 22.09 -10.77 -14.31
N MET A 5 22.11 -12.01 -14.89
CA MET A 5 21.29 -12.44 -16.14
C MET A 5 20.35 -13.51 -15.73
N ARG A 6 19.06 -13.44 -15.49
CA ARG A 6 18.50 -14.74 -15.63
C ARG A 6 17.06 -14.71 -16.08
N TYR A 7 16.64 -15.76 -16.77
CA TYR A 7 15.22 -15.87 -17.09
C TYR A 7 14.81 -17.19 -16.42
N PHE A 8 13.91 -17.06 -15.46
CA PHE A 8 13.46 -18.21 -14.71
C PHE A 8 12.08 -18.30 -15.24
N GLU A 9 11.87 -19.32 -16.08
CA GLU A 9 10.59 -19.59 -16.74
C GLU A 9 10.07 -20.98 -16.41
N THR A 10 8.73 -21.09 -16.27
CA THR A 10 8.02 -22.36 -15.94
C THR A 10 6.68 -22.37 -16.56
N ALA A 11 6.26 -23.54 -17.00
CA ALA A 11 4.95 -23.78 -17.56
C ALA A 11 4.59 -24.92 -16.67
N VAL A 12 3.42 -24.85 -16.02
CA VAL A 12 2.97 -25.92 -15.12
C VAL A 12 1.57 -26.39 -15.46
N SER A 13 1.51 -27.66 -15.86
CA SER A 13 0.32 -28.34 -16.34
C SER A 13 -0.84 -28.34 -15.41
N ARG A 14 -1.86 -27.67 -15.87
CA ARG A 14 -3.08 -27.61 -15.12
C ARG A 14 -3.77 -28.91 -15.54
N PRO A 15 -4.43 -29.59 -14.58
CA PRO A 15 -5.16 -30.87 -14.83
C PRO A 15 -6.67 -30.58 -15.09
N GLY A 16 -7.27 -29.71 -14.21
CA GLY A 16 -8.67 -29.33 -14.35
C GLY A 16 -8.75 -27.77 -14.18
N LEU A 17 -8.07 -27.15 -15.12
CA LEU A 17 -8.67 -25.93 -15.80
C LEU A 17 -8.41 -25.99 -17.35
N GLY A 18 -7.60 -26.04 -18.38
CA GLY A 18 -6.84 -27.32 -18.67
C GLY A 18 -5.41 -27.14 -19.08
N GLU A 19 -5.25 -25.92 -19.51
CA GLU A 19 -4.09 -25.46 -20.25
C GLU A 19 -3.01 -24.89 -19.27
N PRO A 20 -1.69 -25.10 -19.52
CA PRO A 20 -0.65 -24.98 -18.47
C PRO A 20 -0.28 -23.48 -18.12
N ARG A 21 0.10 -23.21 -16.84
CA ARG A 21 0.39 -21.84 -16.44
C ARG A 21 1.82 -21.56 -16.61
N TYR A 22 2.08 -20.49 -17.32
CA TYR A 22 3.39 -20.09 -17.69
C TYR A 22 3.70 -18.67 -17.18
N ILE A 23 4.85 -18.57 -16.54
CA ILE A 23 5.37 -17.34 -15.95
C ILE A 23 6.81 -17.14 -16.45
N SER A 24 7.18 -15.90 -16.72
CA SER A 24 8.48 -15.61 -17.25
C SER A 24 9.07 -14.42 -16.53
N VAL A 25 10.03 -14.69 -15.62
CA VAL A 25 10.62 -13.64 -14.83
C VAL A 25 12.11 -13.33 -15.11
N GLY A 26 12.34 -12.04 -15.42
CA GLY A 26 13.67 -11.55 -15.70
C GLY A 26 14.27 -11.00 -14.41
N TYR A 27 15.56 -11.32 -14.16
CA TYR A 27 16.29 -10.85 -12.96
C TYR A 27 17.55 -10.15 -13.34
N VAL A 28 17.31 -8.76 -13.08
CA VAL A 28 18.59 -8.04 -13.22
C VAL A 28 19.34 -7.93 -11.83
N ASP A 29 19.38 -8.27 -10.57
CA ASP A 29 20.68 -8.12 -9.78
C ASP A 29 20.82 -9.11 -8.86
N ASN A 30 19.67 -8.94 -8.28
CA ASN A 30 18.97 -9.65 -7.47
C ASN A 30 17.52 -9.38 -7.75
N LYS A 31 17.46 -8.55 -8.77
CA LYS A 31 16.29 -7.69 -8.82
C LYS A 31 15.38 -8.20 -9.93
N GLU A 32 14.09 -7.90 -9.84
CA GLU A 32 13.16 -8.24 -10.91
C GLU A 32 13.63 -7.49 -12.18
N PHE A 33 12.91 -7.48 -13.26
CA PHE A 33 12.83 -6.41 -14.28
C PHE A 33 11.58 -6.57 -15.06
N VAL A 34 11.12 -7.77 -14.97
CA VAL A 34 9.93 -8.11 -15.68
C VAL A 34 9.46 -9.53 -15.36
N ARG A 35 8.16 -9.64 -15.47
CA ARG A 35 7.45 -10.83 -15.19
C ARG A 35 6.38 -10.72 -16.19
N PHE A 36 5.67 -11.82 -16.39
CA PHE A 36 4.62 -11.93 -17.38
C PHE A 36 3.95 -13.17 -16.86
N ASP A 37 2.64 -13.34 -17.11
CA ASP A 37 1.94 -14.55 -16.64
C ASP A 37 0.84 -14.83 -17.62
N SER A 38 0.75 -16.07 -18.07
CA SER A 38 -0.30 -16.46 -19.00
C SER A 38 -1.68 -16.26 -18.39
N ASP A 39 -1.74 -16.51 -17.09
CA ASP A 39 -2.96 -16.41 -16.30
C ASP A 39 -3.59 -15.00 -16.11
N ALA A 40 -2.76 -14.00 -16.05
CA ALA A 40 -3.25 -12.64 -15.84
C ALA A 40 -4.22 -12.38 -16.95
N GLU A 41 -5.29 -11.70 -16.58
CA GLU A 41 -6.39 -11.38 -17.49
C GLU A 41 -5.90 -11.28 -18.94
N ASN A 42 -5.02 -10.30 -19.19
CA ASN A 42 -4.41 -10.12 -20.49
C ASN A 42 -2.94 -10.36 -20.30
N PRO A 43 -2.44 -11.48 -20.83
CA PRO A 43 -1.03 -11.83 -20.73
C PRO A 43 -0.07 -10.95 -21.56
N ARG A 44 0.81 -10.27 -20.83
CA ARG A 44 1.86 -9.46 -21.39
C ARG A 44 2.90 -9.41 -20.31
N TYR A 45 4.01 -8.80 -20.67
CA TYR A 45 5.12 -8.67 -19.77
C TYR A 45 4.88 -7.30 -19.20
N GLU A 46 5.12 -7.20 -17.91
CA GLU A 46 4.96 -5.93 -17.25
C GLU A 46 6.27 -5.69 -16.58
N PRO A 47 6.69 -4.43 -16.58
CA PRO A 47 7.91 -3.84 -16.05
C PRO A 47 7.81 -3.95 -14.58
N GLN A 48 8.86 -4.45 -13.98
CA GLN A 48 8.83 -4.65 -12.57
C GLN A 48 9.62 -3.58 -11.89
N ALA A 49 10.88 -3.44 -12.33
CA ALA A 49 11.80 -2.37 -11.92
C ALA A 49 11.09 -1.14 -12.56
N PRO A 50 10.72 0.00 -11.75
CA PRO A 50 10.01 1.20 -12.27
C PRO A 50 10.81 1.87 -13.39
N TRP A 51 12.14 1.80 -13.34
CA TRP A 51 12.88 2.38 -14.43
C TRP A 51 12.55 1.68 -15.79
N MET A 52 12.12 0.44 -15.70
CA MET A 52 11.70 -0.34 -16.85
C MET A 52 10.60 0.37 -17.66
N GLU A 53 9.79 1.23 -17.03
CA GLU A 53 8.72 2.00 -17.76
C GLU A 53 9.42 2.90 -18.81
N GLN A 54 10.66 3.29 -18.51
CA GLN A 54 11.42 4.14 -19.41
C GLN A 54 12.03 3.23 -20.45
N GLU A 55 11.12 2.44 -21.03
CA GLU A 55 11.38 1.47 -22.05
C GLU A 55 10.29 1.73 -23.06
N GLY A 56 10.65 1.69 -24.35
CA GLY A 56 9.65 1.93 -25.38
C GLY A 56 8.72 0.74 -25.32
N PRO A 57 7.47 0.84 -25.98
CA PRO A 57 6.41 -0.18 -26.07
C PRO A 57 6.63 -0.96 -27.34
N GLU A 58 7.81 -0.78 -27.96
CA GLU A 58 8.05 -1.59 -29.13
C GLU A 58 8.66 -2.74 -28.39
N TYR A 59 9.43 -2.41 -27.36
CA TYR A 59 10.11 -3.41 -26.51
C TYR A 59 9.08 -4.33 -25.90
N TRP A 60 7.94 -3.74 -25.59
CA TRP A 60 6.88 -4.51 -25.02
C TRP A 60 6.37 -5.58 -25.93
N GLU A 61 6.02 -5.21 -27.17
CA GLU A 61 5.49 -6.18 -28.11
C GLU A 61 6.55 -7.04 -28.62
N ARG A 62 7.59 -6.39 -29.10
CA ARG A 62 8.73 -7.08 -29.64
C ARG A 62 8.86 -8.31 -28.63
N ILE A 63 8.94 -8.03 -27.32
CA ILE A 63 9.06 -9.04 -26.22
C ILE A 63 7.81 -9.92 -25.82
N THR A 64 6.65 -9.34 -25.57
CA THR A 64 5.45 -10.14 -25.24
C THR A 64 5.15 -11.15 -26.36
N GLN A 65 5.66 -10.87 -27.54
CA GLN A 65 5.47 -11.77 -28.63
C GLN A 65 6.36 -12.99 -28.39
N ILE A 66 7.57 -12.70 -27.90
CA ILE A 66 8.46 -13.80 -27.63
C ILE A 66 7.83 -14.66 -26.51
N ALA A 67 6.87 -14.13 -25.78
CA ALA A 67 6.24 -14.84 -24.70
C ALA A 67 5.06 -15.66 -25.20
N LYS A 68 4.21 -15.01 -26.02
CA LYS A 68 3.04 -15.64 -26.58
C LYS A 68 3.56 -16.83 -27.27
N GLY A 69 4.59 -16.55 -28.03
CA GLY A 69 5.26 -17.58 -28.76
C GLY A 69 6.03 -18.59 -27.93
N GLN A 70 6.71 -18.17 -26.86
CA GLN A 70 7.50 -19.09 -25.97
C GLN A 70 6.55 -20.08 -25.27
N GLU A 71 5.51 -19.48 -24.70
CA GLU A 71 4.41 -20.14 -24.03
C GLU A 71 4.15 -21.43 -24.83
N GLN A 72 3.93 -21.21 -26.10
CA GLN A 72 3.64 -22.22 -27.06
C GLN A 72 4.63 -23.40 -27.23
N TRP A 73 5.84 -23.31 -26.69
CA TRP A 73 6.74 -24.47 -26.77
C TRP A 73 6.54 -25.38 -25.52
N PHE A 74 6.57 -24.75 -24.35
CA PHE A 74 6.43 -25.39 -23.06
C PHE A 74 5.40 -26.47 -23.05
N ARG A 75 4.34 -26.22 -23.78
CA ARG A 75 3.22 -27.10 -23.84
C ARG A 75 3.52 -28.36 -24.53
N VAL A 76 4.16 -28.18 -25.66
CA VAL A 76 4.57 -29.23 -26.56
C VAL A 76 5.71 -30.07 -25.93
N ASN A 77 6.45 -29.48 -25.01
CA ASN A 77 7.54 -30.16 -24.37
C ASN A 77 7.16 -30.85 -23.11
N LEU A 78 5.99 -30.47 -22.64
CA LEU A 78 5.47 -31.05 -21.45
C LEU A 78 4.95 -32.45 -21.93
N ARG A 79 4.21 -32.45 -23.05
CA ARG A 79 3.68 -33.73 -23.53
C ARG A 79 4.73 -34.71 -24.05
N THR A 80 5.72 -34.14 -24.69
CA THR A 80 6.82 -34.87 -25.23
C THR A 80 7.60 -35.52 -24.06
N LEU A 81 7.56 -34.93 -22.86
CA LEU A 81 8.26 -35.57 -21.72
C LEU A 81 7.43 -36.66 -21.09
N LEU A 82 6.12 -36.55 -21.29
CA LEU A 82 5.11 -37.48 -20.79
C LEU A 82 5.34 -38.89 -21.34
N GLY A 83 5.84 -38.93 -22.56
CA GLY A 83 6.13 -40.16 -23.24
C GLY A 83 7.32 -40.88 -22.68
N TYR A 84 8.46 -40.18 -22.62
CA TYR A 84 9.69 -40.81 -22.12
C TYR A 84 9.41 -41.31 -20.70
N TYR A 85 8.93 -40.38 -19.88
CA TYR A 85 8.70 -40.66 -18.49
C TYR A 85 7.40 -41.43 -18.19
N ASN A 86 6.69 -41.88 -19.24
CA ASN A 86 5.43 -42.64 -19.09
C ASN A 86 4.44 -42.21 -18.03
N GLN A 87 3.86 -41.09 -18.30
CA GLN A 87 2.91 -40.55 -17.35
C GLN A 87 1.61 -40.39 -18.10
N SER A 88 0.56 -40.14 -17.30
CA SER A 88 -0.78 -39.90 -17.79
C SER A 88 -0.83 -38.43 -18.18
N ALA A 89 -2.03 -37.90 -18.29
CA ALA A 89 -2.27 -36.52 -18.67
C ALA A 89 -3.26 -35.87 -17.68
N GLY A 90 -3.76 -36.68 -16.71
CA GLY A 90 -4.70 -36.19 -15.71
C GLY A 90 -3.93 -35.72 -14.50
N GLY A 91 -2.62 -35.65 -14.63
CA GLY A 91 -1.75 -35.20 -13.56
C GLY A 91 -0.93 -33.93 -13.82
N THR A 92 -0.41 -33.37 -12.72
CA THR A 92 0.41 -32.15 -12.75
C THR A 92 1.89 -32.35 -13.08
N HIS A 93 2.46 -31.37 -13.78
CA HIS A 93 3.85 -31.45 -14.21
C HIS A 93 4.54 -30.10 -14.32
N THR A 94 5.84 -30.07 -14.12
CA THR A 94 6.47 -28.76 -14.10
C THR A 94 7.81 -28.71 -14.79
N LEU A 95 7.91 -27.96 -15.88
CA LEU A 95 9.17 -27.86 -16.57
C LEU A 95 9.60 -26.49 -16.21
N GLN A 96 10.81 -26.37 -15.65
CA GLN A 96 11.43 -25.09 -15.24
C GLN A 96 12.73 -24.83 -16.09
N TRP A 97 13.07 -23.58 -16.32
CA TRP A 97 14.20 -23.28 -17.17
C TRP A 97 14.97 -22.11 -16.64
N MET A 98 16.29 -22.19 -16.71
CA MET A 98 17.07 -21.07 -16.26
C MET A 98 18.19 -20.73 -17.20
N TYR A 99 18.33 -19.44 -17.48
CA TYR A 99 19.39 -18.96 -18.36
C TYR A 99 19.72 -17.55 -18.08
N GLY A 100 20.90 -17.18 -18.56
CA GLY A 100 21.42 -15.85 -18.37
C GLY A 100 22.84 -15.81 -18.89
N CYS A 101 23.39 -14.61 -18.78
CA CYS A 101 24.72 -14.21 -19.24
C CYS A 101 25.39 -13.88 -17.93
N ASP A 102 26.47 -14.53 -17.57
CA ASP A 102 27.08 -14.15 -16.30
C ASP A 102 27.89 -12.87 -16.44
N VAL A 103 27.16 -11.83 -16.12
CA VAL A 103 27.58 -10.45 -16.14
C VAL A 103 29.02 -9.91 -16.40
N GLY A 104 29.85 -9.86 -15.32
CA GLY A 104 31.21 -9.31 -15.34
C GLY A 104 31.29 -8.01 -14.56
N SER A 105 32.49 -7.62 -14.10
CA SER A 105 32.66 -6.35 -13.31
C SER A 105 32.53 -5.08 -14.17
N ASP A 106 33.46 -5.04 -15.27
CA ASP A 106 33.64 -3.94 -16.27
C ASP A 106 32.86 -4.02 -17.56
N GLY A 107 32.58 -5.23 -18.03
CA GLY A 107 31.85 -5.33 -19.26
C GLY A 107 31.77 -6.73 -19.85
N ARG A 108 32.83 -7.52 -19.68
CA ARG A 108 32.80 -8.87 -20.22
C ARG A 108 32.16 -9.87 -19.30
N LEU A 109 31.73 -10.95 -19.94
CA LEU A 109 31.07 -12.12 -19.34
C LEU A 109 32.11 -13.18 -19.03
N LEU A 110 31.71 -14.06 -18.15
CA LEU A 110 32.59 -15.08 -17.67
C LEU A 110 31.93 -16.41 -17.72
N ARG A 111 30.46 -16.39 -17.42
CA ARG A 111 29.62 -17.64 -17.40
C ARG A 111 28.29 -17.74 -18.14
N GLY A 112 28.12 -18.86 -18.85
CA GLY A 112 26.90 -19.12 -19.62
C GLY A 112 25.98 -20.10 -18.90
N TYR A 113 24.72 -19.72 -18.78
CA TYR A 113 23.75 -20.55 -18.08
C TYR A 113 22.68 -21.00 -19.09
N GLU A 114 22.29 -22.24 -18.98
CA GLU A 114 21.27 -22.80 -19.82
C GLU A 114 20.94 -24.16 -19.17
N GLN A 115 20.00 -24.16 -18.24
CA GLN A 115 19.63 -25.41 -17.64
C GLN A 115 18.12 -25.61 -17.62
N PHE A 116 17.71 -26.84 -17.83
CA PHE A 116 16.31 -27.23 -17.82
C PHE A 116 16.13 -28.27 -16.69
N ALA A 117 14.91 -28.38 -16.16
CA ALA A 117 14.54 -29.29 -15.08
C ALA A 117 13.13 -29.76 -15.37
N TYR A 118 12.90 -31.01 -15.27
CA TYR A 118 11.56 -31.46 -15.51
C TYR A 118 11.11 -32.12 -14.22
N ASP A 119 9.92 -31.72 -13.79
CA ASP A 119 9.35 -32.23 -12.57
C ASP A 119 10.41 -32.21 -11.42
N GLY A 120 10.77 -31.00 -10.99
CA GLY A 120 11.71 -30.81 -9.90
C GLY A 120 13.19 -31.10 -10.03
N CYS A 121 13.59 -32.19 -10.63
CA CYS A 121 15.04 -32.42 -10.74
C CYS A 121 15.50 -31.93 -12.11
N ASP A 122 16.80 -31.66 -12.26
CA ASP A 122 17.44 -31.19 -13.52
C ASP A 122 17.17 -32.14 -14.68
N TYR A 123 16.84 -31.67 -15.88
CA TYR A 123 16.63 -32.61 -16.98
C TYR A 123 17.83 -32.60 -17.89
N ILE A 124 17.94 -31.53 -18.52
CA ILE A 124 18.98 -31.25 -19.51
C ILE A 124 19.73 -29.91 -19.24
N ALA A 125 21.05 -29.94 -19.24
CA ALA A 125 21.83 -28.75 -19.04
C ALA A 125 23.10 -28.51 -19.90
N LEU A 126 23.24 -27.24 -20.26
CA LEU A 126 24.34 -26.72 -21.05
C LEU A 126 25.50 -26.32 -20.18
N ASN A 127 26.63 -26.89 -20.54
CA ASN A 127 27.91 -26.72 -19.84
C ASN A 127 28.72 -25.47 -20.09
N GLU A 128 29.81 -24.94 -19.33
CA GLU A 128 30.43 -23.72 -18.70
C GLU A 128 31.36 -22.90 -19.60
N ASP A 129 31.43 -24.14 -20.47
CA ASP A 129 32.25 -24.07 -21.72
C ASP A 129 31.32 -23.96 -22.98
N LEU A 130 30.53 -22.85 -23.59
CA LEU A 130 29.12 -23.12 -23.73
C LEU A 130 28.63 -24.31 -24.57
N LYS A 131 29.63 -24.76 -25.44
CA LYS A 131 29.44 -25.88 -26.29
C LYS A 131 29.05 -27.11 -25.52
N THR A 132 28.99 -27.80 -24.74
CA THR A 132 28.64 -29.21 -24.45
C THR A 132 27.54 -29.38 -23.41
N TRP A 133 26.83 -30.53 -23.46
CA TRP A 133 25.70 -30.83 -22.56
C TRP A 133 25.89 -31.96 -21.51
N THR A 134 24.98 -31.94 -20.54
CA THR A 134 24.95 -32.94 -19.49
C THR A 134 23.45 -33.31 -19.25
N ALA A 135 23.08 -34.58 -19.51
CA ALA A 135 21.70 -35.10 -19.30
C ALA A 135 21.72 -35.88 -17.98
N ALA A 136 20.58 -36.02 -17.31
CA ALA A 136 20.49 -36.76 -16.05
C ALA A 136 20.18 -38.24 -16.22
N ASP A 137 19.34 -38.58 -17.15
CA ASP A 137 19.04 -39.96 -17.30
C ASP A 137 18.69 -40.25 -18.74
N MET A 138 18.56 -41.53 -19.01
CA MET A 138 18.23 -42.00 -20.31
C MET A 138 17.17 -41.23 -21.11
N ALA A 139 16.00 -40.78 -20.49
CA ALA A 139 14.97 -40.13 -21.31
C ALA A 139 15.39 -38.75 -21.55
N ALA A 140 15.90 -38.12 -20.51
CA ALA A 140 16.42 -36.77 -20.61
C ALA A 140 17.56 -36.83 -21.58
N GLN A 141 18.20 -37.99 -21.58
CA GLN A 141 19.34 -38.31 -22.42
C GLN A 141 18.90 -38.50 -23.90
N ILE A 142 17.60 -38.53 -24.17
CA ILE A 142 17.22 -38.65 -25.57
C ILE A 142 17.20 -37.29 -26.25
N THR A 143 16.83 -36.28 -25.50
CA THR A 143 16.84 -34.85 -25.88
C THR A 143 18.28 -34.36 -26.23
N ARG A 144 19.20 -35.05 -25.57
CA ARG A 144 20.58 -34.82 -25.66
C ARG A 144 21.12 -35.20 -27.05
N ARG A 145 21.22 -36.47 -27.37
CA ARG A 145 21.77 -36.81 -28.67
C ARG A 145 21.09 -36.19 -29.88
N LYS A 146 19.86 -35.75 -29.73
CA LYS A 146 19.23 -35.16 -30.86
C LYS A 146 19.73 -33.72 -30.93
N TRP A 147 19.33 -32.88 -29.97
CA TRP A 147 19.69 -31.47 -29.86
C TRP A 147 21.08 -31.26 -30.36
N GLU A 148 21.91 -32.17 -29.86
CA GLU A 148 23.33 -32.40 -30.14
C GLU A 148 23.47 -32.09 -31.62
N GLN A 149 23.19 -33.08 -32.48
CA GLN A 149 23.35 -32.87 -33.93
C GLN A 149 22.87 -31.47 -34.37
N ALA A 150 21.63 -31.35 -34.19
CA ALA A 150 21.10 -30.10 -34.74
C ALA A 150 21.80 -28.71 -34.48
N GLY A 151 22.58 -28.68 -33.33
CA GLY A 151 23.02 -27.32 -33.17
C GLY A 151 22.26 -26.43 -32.21
N ALA A 152 22.16 -26.92 -30.92
CA ALA A 152 21.44 -26.12 -29.97
C ALA A 152 22.51 -25.30 -29.28
N ALA A 153 23.63 -25.91 -28.97
CA ALA A 153 24.69 -25.14 -28.27
C ALA A 153 25.09 -23.90 -29.02
N GLU A 154 25.29 -24.08 -30.32
CA GLU A 154 25.66 -23.01 -31.22
C GLU A 154 24.66 -21.79 -31.10
N TYR A 155 23.38 -22.11 -31.21
CA TYR A 155 22.28 -21.16 -31.20
C TYR A 155 22.21 -20.45 -29.88
N TYR A 156 22.55 -21.13 -28.80
CA TYR A 156 22.49 -20.51 -27.48
C TYR A 156 23.75 -19.62 -27.27
N ARG A 157 24.95 -20.17 -27.57
CA ARG A 157 26.32 -19.56 -27.52
C ARG A 157 26.13 -18.18 -28.13
N ALA A 158 25.53 -18.22 -29.29
CA ALA A 158 25.26 -17.04 -30.03
C ALA A 158 24.61 -15.97 -29.14
N TYR A 159 23.53 -16.42 -28.54
CA TYR A 159 22.72 -15.64 -27.68
C TYR A 159 23.32 -15.37 -26.31
N LEU A 160 24.20 -16.19 -25.84
CA LEU A 160 24.68 -15.85 -24.54
C LEU A 160 25.81 -14.84 -24.56
N GLU A 161 26.49 -14.79 -25.59
CA GLU A 161 27.37 -13.66 -25.82
C GLU A 161 26.57 -12.49 -26.42
N GLY A 162 25.39 -12.61 -26.85
CA GLY A 162 25.12 -11.55 -27.81
C GLY A 162 24.17 -10.42 -27.52
N GLU A 163 22.90 -10.78 -27.81
CA GLU A 163 21.68 -10.04 -27.51
C GLU A 163 21.66 -9.78 -26.01
N CYS A 164 22.31 -10.67 -25.42
CA CYS A 164 22.14 -10.87 -23.99
C CYS A 164 22.68 -9.87 -22.98
N VAL A 165 23.85 -9.77 -23.23
CA VAL A 165 24.70 -8.80 -22.55
C VAL A 165 24.45 -7.34 -22.99
N GLU A 166 24.23 -7.13 -24.31
CA GLU A 166 23.91 -5.79 -24.94
C GLU A 166 22.85 -5.27 -24.03
N TRP A 167 21.86 -6.13 -23.89
CA TRP A 167 20.72 -5.83 -23.14
C TRP A 167 20.95 -5.67 -21.66
N LEU A 168 21.79 -6.54 -21.09
CA LEU A 168 22.13 -6.52 -19.68
C LEU A 168 22.68 -5.12 -19.31
N HIS A 169 23.60 -4.68 -20.17
CA HIS A 169 24.29 -3.40 -20.11
C HIS A 169 23.32 -2.25 -20.16
N ARG A 170 22.19 -2.48 -20.85
CA ARG A 170 21.12 -1.50 -21.02
C ARG A 170 20.55 -1.35 -19.66
N TYR A 171 19.85 -2.37 -19.22
CA TYR A 171 19.21 -2.31 -17.91
C TYR A 171 20.23 -1.87 -16.84
N LEU A 172 21.47 -2.36 -17.00
CA LEU A 172 22.53 -2.02 -16.12
C LEU A 172 22.73 -0.50 -16.01
N LYS A 173 22.73 0.21 -17.15
CA LYS A 173 22.82 1.67 -17.14
C LYS A 173 21.44 2.34 -16.92
N ASN A 174 20.37 1.59 -17.24
CA ASN A 174 19.12 2.33 -17.14
C ASN A 174 18.47 1.85 -15.84
N GLY A 175 19.61 1.54 -15.17
CA GLY A 175 19.10 0.95 -13.98
C GLY A 175 19.52 1.75 -12.77
N ASN A 176 20.81 2.67 -12.87
CA ASN A 176 21.60 2.21 -11.74
C ASN A 176 21.37 2.59 -10.26
N ALA A 177 20.63 3.83 -10.36
CA ALA A 177 20.36 4.73 -9.26
C ALA A 177 19.51 4.01 -8.17
N THR A 178 18.62 3.20 -8.97
CA THR A 178 17.83 2.19 -8.31
C THR A 178 18.59 0.88 -8.00
N LEU A 179 19.27 0.16 -8.76
CA LEU A 179 20.02 -1.00 -8.26
C LEU A 179 21.04 -0.69 -7.09
N LEU A 180 21.50 0.45 -6.86
CA LEU A 180 22.47 0.63 -5.79
C LEU A 180 21.78 0.55 -4.40
N ARG A 181 20.57 0.67 -4.17
CA ARG A 181 20.22 1.27 -2.85
C ARG A 181 20.79 0.44 -1.71
N THR A 182 20.16 0.92 -0.66
CA THR A 182 20.36 -0.16 0.30
C THR A 182 19.79 0.23 1.67
N ASP A 183 19.60 -0.56 2.59
CA ASP A 183 18.97 -0.33 3.87
C ASP A 183 19.73 -0.84 5.07
N SER A 184 19.94 0.07 6.02
CA SER A 184 20.65 -0.23 7.23
C SER A 184 19.78 -1.06 8.19
N PRO A 185 20.33 -2.16 8.79
CA PRO A 185 19.52 -2.95 9.72
C PRO A 185 19.01 -2.08 10.86
N LYS A 186 17.85 -2.31 11.15
CA LYS A 186 17.33 -1.58 12.26
C LYS A 186 17.25 -2.71 13.29
N ALA A 187 18.25 -2.72 14.14
CA ALA A 187 18.41 -3.76 15.14
C ALA A 187 17.97 -3.52 16.55
N HIS A 188 18.22 -4.59 17.34
CA HIS A 188 17.92 -4.74 18.78
C HIS A 188 17.89 -6.20 19.29
N VAL A 189 17.57 -6.29 20.57
CA VAL A 189 17.45 -7.55 21.28
C VAL A 189 16.21 -7.67 22.21
N THR A 190 15.88 -8.90 22.55
CA THR A 190 14.70 -9.17 23.36
C THR A 190 14.94 -10.33 24.28
N HIS A 191 14.57 -10.12 25.54
CA HIS A 191 14.71 -11.13 26.56
C HIS A 191 13.36 -11.91 26.61
N HIS A 192 13.42 -13.22 26.77
CA HIS A 192 12.15 -13.92 26.81
C HIS A 192 11.92 -14.88 27.94
N PRO A 193 10.61 -15.05 28.00
CA PRO A 193 9.93 -16.00 28.90
C PRO A 193 10.49 -17.36 28.43
N ARG A 194 11.65 -17.62 29.30
CA ARG A 194 12.23 -18.87 28.81
C ARG A 194 12.91 -19.67 29.92
N SER A 195 12.90 -20.97 29.66
CA SER A 195 13.80 -21.93 30.30
C SER A 195 13.52 -21.93 31.67
N LYS A 196 14.51 -22.18 32.32
CA LYS A 196 14.40 -22.95 33.40
C LYS A 196 14.03 -22.05 34.65
N GLY A 197 14.74 -20.96 34.41
CA GLY A 197 15.90 -19.98 34.40
C GLY A 197 16.75 -20.24 33.19
N GLU A 198 16.65 -19.83 32.02
CA GLU A 198 17.58 -19.62 30.95
C GLU A 198 16.74 -18.77 30.03
N VAL A 199 16.96 -17.50 30.07
CA VAL A 199 16.25 -16.53 29.24
C VAL A 199 16.67 -16.73 27.79
N THR A 200 15.73 -16.64 26.85
CA THR A 200 16.14 -16.71 25.44
C THR A 200 16.19 -15.24 25.03
N LEU A 201 17.30 -14.83 24.41
CA LEU A 201 17.41 -13.44 24.00
C LEU A 201 17.73 -13.26 22.55
N ARG A 202 16.98 -12.44 21.86
CA ARG A 202 17.21 -12.31 20.41
C ARG A 202 17.47 -11.00 19.66
N CYS A 203 18.47 -11.07 18.80
CA CYS A 203 18.95 -9.99 17.97
C CYS A 203 18.16 -9.96 16.66
N TRP A 204 17.32 -8.95 16.57
CA TRP A 204 16.48 -8.84 15.41
C TRP A 204 16.98 -7.70 14.49
N ALA A 205 17.02 -8.12 13.24
CA ALA A 205 17.58 -7.20 12.21
C ALA A 205 16.68 -5.97 12.06
N LEU A 206 15.40 -5.65 12.01
CA LEU A 206 14.17 -6.06 11.34
C LEU A 206 13.68 -4.96 10.42
N GLY A 207 13.94 -5.11 9.19
CA GLY A 207 13.94 -4.99 7.73
C GLY A 207 15.21 -4.11 7.25
N PHE A 208 16.12 -4.75 6.43
CA PHE A 208 17.36 -4.09 5.76
C PHE A 208 17.45 -4.51 4.38
N TYR A 209 17.79 -3.50 3.63
CA TYR A 209 18.28 -3.70 2.35
C TYR A 209 19.39 -4.58 2.39
N PRO A 210 19.92 -5.17 1.36
CA PRO A 210 19.62 -6.19 0.52
C PRO A 210 20.32 -7.45 1.06
N ALA A 211 19.86 -8.66 0.91
CA ALA A 211 19.58 -9.76 1.76
C ALA A 211 20.63 -10.17 2.80
N ASP A 212 21.63 -9.78 2.07
CA ASP A 212 22.86 -10.20 2.78
C ASP A 212 23.39 -9.47 4.02
N ILE A 213 23.28 -10.19 5.13
CA ILE A 213 23.74 -9.84 6.50
C ILE A 213 23.94 -11.15 7.25
N THR A 214 24.78 -11.08 8.22
CA THR A 214 25.06 -12.19 9.08
C THR A 214 25.20 -11.45 10.41
N LEU A 215 24.75 -12.06 11.50
CA LEU A 215 24.88 -11.42 12.84
C LEU A 215 25.30 -12.40 13.95
N THR A 216 26.33 -12.04 14.71
CA THR A 216 26.86 -12.95 15.75
C THR A 216 26.97 -12.48 17.20
N TRP A 217 26.92 -13.43 18.13
CA TRP A 217 27.06 -13.07 19.52
C TRP A 217 28.34 -13.45 20.13
N GLN A 218 28.63 -12.60 21.08
CA GLN A 218 29.82 -12.57 21.84
C GLN A 218 29.60 -12.90 23.26
N LEU A 219 30.35 -13.71 23.76
CA LEU A 219 30.22 -14.18 25.14
C LEU A 219 30.27 -12.97 26.03
N ASN A 220 31.52 -12.68 26.04
CA ASN A 220 32.11 -11.35 25.96
C ASN A 220 33.35 -11.43 25.06
N GLY A 221 33.92 -12.62 25.09
CA GLY A 221 35.24 -12.91 24.52
C GLY A 221 35.10 -13.49 23.09
N GLU A 222 34.19 -14.47 22.96
CA GLU A 222 34.01 -15.24 21.73
C GLU A 222 32.63 -15.08 21.07
N GLU A 223 32.68 -15.40 19.77
CA GLU A 223 31.52 -15.52 18.86
C GLU A 223 31.00 -16.95 18.89
N LEU A 224 29.83 -17.07 19.43
CA LEU A 224 29.37 -18.31 20.02
C LEU A 224 29.22 -19.47 19.07
N THR A 225 29.61 -19.26 17.88
CA THR A 225 28.78 -19.68 16.80
C THR A 225 29.04 -20.92 16.36
N GLN A 226 29.40 -21.51 17.31
CA GLN A 226 29.30 -22.77 17.34
C GLN A 226 28.00 -23.26 18.09
N ASP A 227 27.00 -22.30 18.21
CA ASP A 227 25.80 -22.44 19.16
C ASP A 227 24.55 -21.78 18.31
N MET A 228 23.26 -21.91 18.45
CA MET A 228 22.28 -22.45 17.34
C MET A 228 21.37 -21.27 16.66
N GLU A 229 20.23 -20.80 17.15
CA GLU A 229 19.15 -19.99 16.33
C GLU A 229 19.67 -18.71 15.72
N LEU A 230 18.98 -18.74 14.74
CA LEU A 230 18.93 -17.70 13.77
C LEU A 230 17.69 -18.03 12.99
N VAL A 231 17.54 -17.32 11.96
CA VAL A 231 16.42 -17.61 11.13
C VAL A 231 16.84 -17.31 9.70
N GLU A 232 16.19 -17.95 8.74
CA GLU A 232 16.34 -17.86 7.27
C GLU A 232 15.99 -16.44 6.95
N THR A 233 16.77 -15.78 6.17
CA THR A 233 16.57 -14.37 6.04
C THR A 233 15.25 -14.24 5.33
N ARG A 234 14.26 -13.80 5.96
CA ARG A 234 12.89 -13.73 5.40
C ARG A 234 12.64 -12.35 4.78
N PRO A 235 11.78 -12.23 3.74
CA PRO A 235 11.24 -10.94 3.34
C PRO A 235 10.37 -10.34 4.37
N ALA A 236 9.65 -9.36 3.85
CA ALA A 236 8.88 -8.44 4.66
C ALA A 236 7.69 -7.95 3.89
N GLY A 237 6.89 -6.95 4.00
CA GLY A 237 7.27 -7.43 2.69
C GLY A 237 6.96 -6.37 1.74
N ASP A 238 7.21 -5.27 2.58
CA ASP A 238 7.73 -4.14 1.89
C ASP A 238 8.98 -4.89 1.51
N GLY A 239 9.89 -4.13 0.76
CA GLY A 239 10.94 -4.84 0.08
C GLY A 239 12.28 -4.94 0.78
N THR A 240 12.17 -5.27 2.07
CA THR A 240 13.30 -5.38 2.98
C THR A 240 13.26 -6.77 3.57
N PHE A 241 14.20 -7.03 4.50
CA PHE A 241 14.31 -8.35 5.11
C PHE A 241 14.48 -8.33 6.58
N GLN A 242 14.33 -9.49 7.16
CA GLN A 242 14.44 -9.67 8.58
C GLN A 242 15.10 -10.96 8.90
N LYS A 243 15.95 -10.89 9.92
CA LYS A 243 16.68 -12.04 10.38
C LYS A 243 16.73 -11.92 11.90
N TRP A 244 16.70 -13.05 12.61
CA TRP A 244 16.81 -13.06 14.03
C TRP A 244 17.72 -14.25 14.29
N ALA A 245 18.63 -14.11 15.27
CA ALA A 245 19.58 -15.15 15.68
C ALA A 245 19.63 -15.04 17.20
N SER A 246 19.78 -16.15 17.90
CA SER A 246 19.74 -16.10 19.37
C SER A 246 20.44 -17.18 20.17
N VAL A 247 20.42 -16.90 21.48
CA VAL A 247 21.02 -17.73 22.52
C VAL A 247 20.29 -17.89 23.85
N VAL A 248 20.83 -18.80 24.63
CA VAL A 248 20.35 -19.04 25.95
C VAL A 248 21.30 -18.33 26.98
N VAL A 249 20.74 -17.88 28.09
CA VAL A 249 21.55 -17.13 29.06
C VAL A 249 21.20 -17.48 30.48
N PRO A 250 22.14 -17.44 31.32
CA PRO A 250 21.68 -17.79 32.68
C PRO A 250 20.57 -16.79 33.23
N LEU A 251 20.05 -16.97 34.46
CA LEU A 251 18.97 -16.06 34.88
C LEU A 251 19.39 -14.82 35.58
N GLY A 252 19.20 -13.66 34.94
CA GLY A 252 20.16 -12.69 35.34
C GLY A 252 21.47 -13.43 35.09
N LYS A 253 22.11 -13.66 34.01
CA LYS A 253 23.54 -13.83 33.87
C LYS A 253 23.73 -13.16 32.57
N GLU A 254 23.75 -11.91 32.81
CA GLU A 254 23.65 -11.00 31.72
C GLU A 254 24.98 -11.04 30.93
N GLN A 255 26.11 -11.46 31.57
CA GLN A 255 27.45 -11.13 32.29
C GLN A 255 28.32 -10.35 31.37
N ASN A 256 27.86 -10.76 30.18
CA ASN A 256 28.84 -10.50 29.18
C ASN A 256 28.34 -10.46 27.82
N TYR A 257 27.02 -10.62 27.18
CA TYR A 257 26.92 -11.35 25.93
C TYR A 257 26.67 -10.23 24.98
N THR A 258 27.40 -10.24 23.88
CA THR A 258 27.20 -9.16 22.95
C THR A 258 26.78 -9.80 21.63
N CYS A 259 26.61 -8.93 20.62
CA CYS A 259 26.26 -9.23 19.23
C CYS A 259 26.80 -8.19 18.15
N ARG A 260 27.26 -8.70 17.00
CA ARG A 260 27.75 -7.88 15.89
C ARG A 260 26.88 -8.07 14.64
N VAL A 261 26.39 -6.96 14.14
CA VAL A 261 25.59 -7.03 12.96
C VAL A 261 26.49 -6.63 11.76
N TYR A 262 26.45 -7.45 10.63
CA TYR A 262 27.24 -7.21 9.40
C TYR A 262 26.41 -7.10 8.13
N HIS A 263 26.24 -5.86 7.72
CA HIS A 263 25.48 -5.60 6.55
C HIS A 263 26.00 -4.45 5.69
N GLU A 264 26.97 -5.00 4.64
CA GLU A 264 27.34 -3.81 3.92
C GLU A 264 26.30 -3.31 2.92
N GLY A 265 25.85 -2.55 3.84
CA GLY A 265 25.03 -1.34 3.81
C GLY A 265 25.15 -0.60 5.11
N LEU A 266 26.29 -0.82 5.74
CA LEU A 266 26.40 -0.48 7.12
C LEU A 266 27.84 -0.48 7.70
N PRO A 267 28.49 0.48 8.30
CA PRO A 267 29.86 0.38 8.81
C PRO A 267 29.86 -0.03 10.37
N GLU A 268 29.58 -1.27 10.71
CA GLU A 268 29.60 -1.68 12.12
C GLU A 268 31.01 -2.20 12.53
N ILE B 1 10.65 -36.00 -7.82
CA ILE B 1 10.75 -35.85 -6.33
C ILE B 1 9.87 -34.62 -5.97
N GLN B 2 9.30 -34.62 -4.78
CA GLN B 2 8.32 -33.55 -4.38
C GLN B 2 8.61 -33.08 -2.96
N LYS B 3 8.45 -31.81 -2.76
CA LYS B 3 8.94 -31.16 -1.57
C LYS B 3 7.81 -30.81 -0.63
N THR B 4 8.15 -30.98 0.63
CA THR B 4 7.31 -30.59 1.74
C THR B 4 7.74 -29.20 2.27
N PRO B 5 6.88 -28.16 2.21
CA PRO B 5 7.30 -26.77 2.45
C PRO B 5 7.74 -26.55 3.87
N GLN B 6 8.27 -25.33 4.05
CA GLN B 6 8.69 -24.80 5.36
C GLN B 6 8.04 -23.48 5.62
N ILE B 7 7.26 -23.38 6.69
CA ILE B 7 6.50 -22.15 6.87
C ILE B 7 7.06 -21.29 7.98
N GLN B 8 6.68 -20.01 8.00
CA GLN B 8 7.12 -19.05 9.00
C GLN B 8 6.03 -18.03 9.09
N VAL B 9 5.58 -17.71 10.27
CA VAL B 9 4.52 -16.76 10.37
C VAL B 9 5.09 -15.53 11.08
N TYR B 10 4.73 -14.34 10.60
CA TYR B 10 5.39 -13.20 11.21
C TYR B 10 4.96 -11.72 11.13
N SER B 11 5.23 -11.04 12.22
CA SER B 11 4.95 -9.66 12.34
C SER B 11 5.89 -8.87 11.33
N ARG B 12 5.24 -8.24 10.35
CA ARG B 12 5.83 -7.43 9.30
C ARG B 12 6.49 -6.19 9.85
N HIS B 13 5.99 -5.78 11.02
CA HIS B 13 6.46 -4.63 11.80
C HIS B 13 6.35 -5.20 13.15
N PRO B 14 7.16 -4.72 14.13
CA PRO B 14 6.94 -5.38 15.41
C PRO B 14 5.50 -5.16 15.93
N PRO B 15 4.93 -6.22 16.55
CA PRO B 15 3.59 -6.16 17.13
C PRO B 15 3.66 -5.32 18.40
N GLU B 16 2.62 -4.54 18.56
CA GLU B 16 2.43 -3.72 19.74
C GLU B 16 0.97 -3.96 19.75
N ASN B 17 0.47 -4.79 20.89
CA ASN B 17 -0.89 -5.26 20.59
C ASN B 17 -1.82 -4.29 20.92
N GLY B 18 -2.35 -3.86 19.67
CA GLY B 18 -3.41 -3.12 19.69
C GLY B 18 -2.99 -1.54 19.42
N LYS B 19 -2.54 -1.58 18.16
CA LYS B 19 -2.23 -0.71 16.86
C LYS B 19 -2.13 -1.66 15.70
N PRO B 20 -2.09 -1.51 14.36
CA PRO B 20 -2.00 -2.57 13.29
C PRO B 20 -0.64 -3.18 13.05
N ASN B 21 -0.65 -4.07 12.06
CA ASN B 21 0.54 -4.81 11.68
C ASN B 21 0.17 -5.73 10.55
N ILE B 22 1.18 -6.17 9.84
CA ILE B 22 0.94 -7.08 8.77
C ILE B 22 1.38 -8.45 9.19
N LEU B 23 0.69 -9.46 8.66
CA LEU B 23 1.02 -10.83 8.97
C LEU B 23 1.45 -11.49 7.67
N ASN B 24 2.57 -12.18 7.73
CA ASN B 24 3.07 -12.78 6.56
C ASN B 24 3.08 -14.30 6.70
N CYS B 25 2.66 -15.00 5.65
CA CYS B 25 2.81 -16.43 5.69
C CYS B 25 3.89 -16.64 4.63
N TYR B 26 5.07 -17.02 5.07
CA TYR B 26 6.17 -17.22 4.19
C TYR B 26 6.45 -18.71 3.99
N VAL B 27 6.02 -19.20 2.83
CA VAL B 27 6.10 -20.61 2.46
C VAL B 27 7.18 -20.88 1.45
N THR B 28 8.15 -21.69 1.86
CA THR B 28 9.33 -21.96 1.06
C THR B 28 9.53 -23.40 0.64
N GLN B 29 10.29 -23.67 -0.28
CA GLN B 29 11.04 -24.80 -0.84
C GLN B 29 10.29 -26.09 -0.95
N PHE B 30 9.48 -26.07 -1.97
CA PHE B 30 8.46 -27.04 -2.28
C PHE B 30 8.33 -27.25 -3.81
N HIS B 31 7.79 -28.44 -4.13
CA HIS B 31 7.43 -28.85 -5.51
C HIS B 31 6.50 -29.85 -5.66
N PRO B 32 5.37 -29.44 -5.90
CA PRO B 32 5.04 -28.81 -7.16
C PRO B 32 4.48 -27.40 -6.88
N PRO B 33 4.41 -26.34 -7.64
CA PRO B 33 3.86 -25.01 -7.39
C PRO B 33 2.31 -24.89 -7.21
N HIS B 34 1.68 -25.90 -6.60
CA HIS B 34 0.27 -25.86 -6.30
C HIS B 34 0.27 -25.76 -4.77
N ILE B 35 -0.19 -24.66 -4.20
CA ILE B 35 -0.19 -24.49 -2.76
C ILE B 35 -1.45 -23.90 -2.14
N GLU B 36 -1.92 -24.37 -1.04
CA GLU B 36 -3.07 -23.73 -0.43
C GLU B 36 -2.57 -23.09 0.87
N ILE B 37 -2.97 -21.85 1.11
CA ILE B 37 -2.59 -21.10 2.27
C ILE B 37 -3.87 -20.45 2.83
N GLN B 38 -4.26 -20.93 4.00
CA GLN B 38 -5.45 -20.43 4.68
C GLN B 38 -4.93 -19.67 5.92
N MET B 39 -5.13 -18.37 6.00
CA MET B 39 -4.71 -17.74 7.24
C MET B 39 -5.99 -17.72 8.10
N LEU B 40 -5.81 -17.77 9.42
CA LEU B 40 -6.93 -17.93 10.37
C LEU B 40 -6.79 -16.93 11.54
N LYS B 41 -7.89 -16.28 11.83
CA LYS B 41 -7.94 -15.35 13.00
C LYS B 41 -7.77 -16.09 14.19
N ASN B 42 -8.96 -16.43 14.66
CA ASN B 42 -8.97 -17.24 15.73
C ASN B 42 -8.77 -18.73 15.29
N GLY B 43 -9.93 -18.98 14.83
CA GLY B 43 -10.09 -20.37 14.42
C GLY B 43 -10.55 -20.42 12.94
N LYS B 44 -10.93 -19.31 12.36
CA LYS B 44 -11.43 -19.34 10.99
C LYS B 44 -10.59 -18.76 9.80
N LYS B 45 -11.16 -18.77 8.66
CA LYS B 45 -10.56 -18.23 7.46
C LYS B 45 -10.52 -16.71 7.62
N ILE B 46 -9.61 -16.12 6.88
CA ILE B 46 -9.34 -14.72 6.93
C ILE B 46 -9.72 -13.88 5.75
N PRO B 47 -10.62 -12.77 5.59
CA PRO B 47 -10.79 -13.22 4.21
C PRO B 47 -9.48 -13.37 3.42
N LYS B 48 -8.82 -12.16 3.54
CA LYS B 48 -8.12 -11.16 2.71
C LYS B 48 -6.63 -11.44 2.58
N VAL B 49 -6.77 -12.19 1.41
CA VAL B 49 -5.49 -12.90 1.30
C VAL B 49 -4.68 -12.54 0.08
N GLU B 50 -3.64 -11.70 0.33
CA GLU B 50 -2.70 -11.20 -0.67
C GLU B 50 -1.62 -12.25 -0.89
N MET B 51 -1.49 -12.87 -2.08
CA MET B 51 -0.44 -13.85 -2.35
C MET B 51 0.61 -13.48 -3.40
N SER B 52 1.57 -12.71 -2.90
CA SER B 52 2.71 -12.13 -3.62
C SER B 52 3.63 -13.03 -4.48
N ASP B 53 4.16 -12.66 -5.68
CA ASP B 53 3.90 -13.82 -6.63
C ASP B 53 4.78 -15.07 -6.67
N MET B 54 4.72 -16.07 -7.58
CA MET B 54 5.71 -17.18 -7.51
C MET B 54 7.07 -17.06 -8.21
N SER B 55 8.08 -17.27 -7.42
CA SER B 55 9.36 -17.22 -7.99
C SER B 55 9.81 -18.60 -7.59
N PHE B 56 10.81 -19.07 -8.18
CA PHE B 56 11.27 -20.37 -7.81
C PHE B 56 12.75 -20.06 -7.68
N SER B 57 13.52 -20.87 -6.99
CA SER B 57 14.95 -20.60 -6.83
C SER B 57 15.89 -21.64 -7.50
N LYS B 58 17.20 -21.42 -7.43
CA LYS B 58 18.20 -22.32 -8.04
C LYS B 58 18.15 -23.85 -7.85
N ASP B 59 17.35 -24.35 -6.93
CA ASP B 59 17.22 -25.80 -6.76
C ASP B 59 15.82 -26.17 -7.29
N TRP B 60 15.32 -25.22 -8.08
CA TRP B 60 14.04 -25.26 -8.75
C TRP B 60 12.88 -25.11 -7.79
N SER B 61 13.15 -24.98 -6.49
CA SER B 61 12.12 -24.85 -5.52
C SER B 61 11.28 -23.57 -5.62
N PHE B 62 9.98 -23.69 -5.37
CA PHE B 62 9.10 -22.53 -5.42
C PHE B 62 8.95 -21.82 -4.11
N TYR B 63 8.20 -20.73 -4.11
CA TYR B 63 7.95 -19.92 -2.90
C TYR B 63 7.13 -18.72 -3.19
N ILE B 64 6.33 -18.33 -2.22
CA ILE B 64 5.42 -17.23 -2.39
C ILE B 64 5.23 -16.52 -1.06
N LEU B 65 4.92 -15.23 -1.13
CA LEU B 65 4.65 -14.48 0.06
C LEU B 65 3.10 -14.24 0.25
N ALA B 66 2.50 -14.94 1.22
CA ALA B 66 1.07 -14.88 1.53
C ALA B 66 0.94 -13.89 2.66
N HIS B 67 -0.19 -13.21 2.82
CA HIS B 67 -0.29 -12.23 3.90
C HIS B 67 -1.48 -11.31 4.10
N THR B 68 -1.87 -11.11 5.36
CA THR B 68 -3.01 -10.24 5.68
C THR B 68 -2.84 -9.08 6.75
N GLU B 69 -3.95 -8.67 7.35
CA GLU B 69 -3.98 -7.54 8.29
C GLU B 69 -4.47 -7.89 9.69
N PHE B 70 -3.85 -7.42 10.74
CA PHE B 70 -4.29 -7.72 12.09
C PHE B 70 -3.93 -6.77 13.21
N THR B 71 -4.89 -6.55 14.10
CA THR B 71 -4.66 -5.77 15.31
C THR B 71 -4.26 -6.89 16.32
N PRO B 72 -2.93 -7.08 16.53
CA PRO B 72 -2.35 -8.09 17.44
C PRO B 72 -3.06 -8.06 18.80
N THR B 73 -3.11 -9.14 19.54
CA THR B 73 -3.89 -9.02 20.76
C THR B 73 -3.39 -9.69 22.01
N GLU B 74 -4.22 -9.59 23.02
CA GLU B 74 -3.96 -10.26 24.27
C GLU B 74 -4.64 -11.57 24.01
N THR B 75 -5.82 -11.39 23.43
CA THR B 75 -6.77 -12.42 23.02
C THR B 75 -6.51 -13.42 21.84
N ASP B 76 -6.70 -12.96 20.59
CA ASP B 76 -6.65 -13.82 19.37
C ASP B 76 -5.46 -14.63 18.85
N THR B 77 -5.69 -15.90 18.51
CA THR B 77 -4.61 -16.68 17.90
C THR B 77 -4.82 -16.61 16.41
N TYR B 78 -3.75 -16.32 15.64
CA TYR B 78 -3.86 -16.37 14.18
C TYR B 78 -2.85 -17.42 13.68
N ALA B 79 -3.14 -18.06 12.59
CA ALA B 79 -2.28 -19.07 12.07
C ALA B 79 -2.44 -19.17 10.55
N CYS B 80 -1.50 -19.92 9.98
CA CYS B 80 -1.45 -20.18 8.58
C CYS B 80 -1.60 -21.68 8.44
N ARG B 81 -2.11 -22.08 7.28
CA ARG B 81 -2.37 -23.44 6.95
C ARG B 81 -2.09 -23.68 5.50
N VAL B 82 -1.25 -24.65 5.28
CA VAL B 82 -0.84 -24.92 3.93
C VAL B 82 -1.20 -26.31 3.45
N LYS B 83 -2.16 -26.39 2.54
CA LYS B 83 -2.51 -27.64 1.99
C LYS B 83 -1.48 -27.74 0.85
N HIS B 84 -0.84 -28.89 0.63
CA HIS B 84 0.08 -29.04 -0.51
C HIS B 84 0.17 -30.49 -0.74
N ASP B 85 0.18 -30.90 -1.98
CA ASP B 85 0.23 -32.32 -2.36
C ASP B 85 1.43 -33.19 -1.89
N SER B 86 2.40 -32.58 -1.24
CA SER B 86 3.49 -33.35 -0.78
C SER B 86 3.12 -33.90 0.59
N MET B 87 2.38 -33.09 1.35
CA MET B 87 2.00 -33.42 2.70
C MET B 87 0.78 -34.32 2.71
N ALA B 88 0.72 -35.37 3.53
CA ALA B 88 -0.50 -36.19 3.57
C ALA B 88 -1.68 -35.29 4.02
N GLU B 89 -1.75 -34.90 5.29
CA GLU B 89 -2.83 -33.97 5.68
C GLU B 89 -2.10 -32.60 6.00
N PRO B 90 -2.81 -31.46 6.11
CA PRO B 90 -2.19 -30.16 6.38
C PRO B 90 -1.29 -29.75 7.51
N LYS B 91 -0.73 -28.55 7.32
CA LYS B 91 0.19 -27.90 8.22
C LYS B 91 -0.46 -26.55 8.67
N THR B 92 -0.64 -26.39 9.96
CA THR B 92 -1.17 -25.16 10.50
C THR B 92 -0.06 -24.71 11.44
N VAL B 93 0.42 -23.47 11.26
CA VAL B 93 1.50 -22.95 12.02
C VAL B 93 1.05 -21.69 12.72
N TYR B 94 1.50 -21.44 13.94
CA TYR B 94 1.09 -20.28 14.73
C TYR B 94 2.00 -19.06 14.74
N TRP B 95 1.42 -17.86 14.84
CA TRP B 95 2.23 -16.64 14.95
C TRP B 95 2.61 -16.60 16.40
N ASP B 96 3.90 -16.57 16.69
CA ASP B 96 4.38 -16.47 18.09
C ASP B 96 5.07 -15.13 18.18
N ARG B 97 4.68 -14.33 19.18
CA ARG B 97 5.23 -12.96 19.41
C ARG B 97 6.75 -12.86 19.55
N ASP B 98 7.42 -13.95 19.86
CA ASP B 98 8.86 -13.92 20.04
C ASP B 98 9.63 -14.33 18.83
N MET B 99 9.01 -15.14 18.00
CA MET B 99 9.66 -15.56 16.78
C MET B 99 9.07 -14.62 15.76
N TYR C 1 15.97 -9.33 -22.31
CA TYR C 1 15.46 -9.85 -23.57
C TYR C 1 15.57 -11.37 -23.55
N PRO C 2 14.43 -12.10 -23.55
CA PRO C 2 14.55 -13.55 -23.51
C PRO C 2 14.91 -14.01 -24.93
N ASN C 3 14.90 -15.32 -25.16
CA ASN C 3 15.27 -15.79 -26.48
C ASN C 3 14.42 -16.95 -26.88
N VAL C 4 14.06 -16.92 -28.17
CA VAL C 4 13.24 -17.91 -28.80
C VAL C 4 13.92 -19.24 -28.58
N ASN C 5 13.07 -20.16 -28.27
CA ASN C 5 13.37 -21.51 -27.94
C ASN C 5 13.70 -22.48 -29.08
N ILE C 6 13.03 -22.51 -30.09
CA ILE C 6 13.45 -23.06 -31.37
C ILE C 6 14.24 -24.38 -31.55
N HIS C 7 13.95 -25.25 -30.61
CA HIS C 7 14.08 -26.64 -30.91
C HIS C 7 13.51 -27.48 -29.86
N ASN C 8 12.56 -28.34 -30.31
CA ASN C 8 11.80 -29.27 -29.49
C ASN C 8 12.51 -30.22 -28.65
N PHE C 9 11.78 -30.77 -27.68
CA PHE C 9 12.39 -31.68 -26.71
C PHE C 9 12.88 -33.12 -26.99
N GLY D 1 -14.90 10.62 27.24
CA GLY D 1 -14.09 11.80 26.74
C GLY D 1 -14.71 12.16 25.42
N PRO D 2 -15.06 13.23 24.78
CA PRO D 2 -16.23 14.01 24.28
C PRO D 2 -16.07 14.03 22.63
N HIS D 3 -16.92 13.47 21.77
CA HIS D 3 -16.90 12.05 21.07
C HIS D 3 -18.04 12.12 19.87
N SER D 4 -17.67 11.76 18.56
CA SER D 4 -18.26 12.39 17.23
C SER D 4 -19.64 11.75 16.74
N MET D 5 -20.61 12.65 16.39
CA MET D 5 -21.90 12.32 15.60
C MET D 5 -21.86 13.06 14.31
N ARG D 6 -21.57 12.62 13.11
CA ARG D 6 -22.12 13.52 12.14
C ARG D 6 -22.48 12.83 10.84
N TYR D 7 -23.48 13.37 10.15
CA TYR D 7 -23.76 12.86 8.83
C TYR D 7 -23.57 14.10 7.93
N PHE D 8 -22.60 13.98 7.04
CA PHE D 8 -22.28 15.07 6.16
C PHE D 8 -22.77 14.49 4.89
N GLU D 9 -23.89 15.03 4.41
CA GLU D 9 -24.57 14.60 3.20
C GLU D 9 -24.71 15.74 2.20
N THR D 10 -24.57 15.41 0.89
CA THR D 10 -24.68 16.38 -0.22
C THR D 10 -25.22 15.71 -1.43
N ALA D 11 -26.02 16.44 -2.18
CA ALA D 11 -26.58 16.00 -3.45
C ALA D 11 -26.13 17.17 -4.25
N VAL D 12 -25.46 16.91 -5.38
CA VAL D 12 -24.97 17.99 -6.24
C VAL D 12 -25.39 17.79 -7.69
N SER D 13 -26.20 18.74 -8.14
CA SER D 13 -26.85 18.75 -9.44
C SER D 13 -25.95 18.66 -10.62
N ARG D 14 -26.11 17.56 -11.30
CA ARG D 14 -25.34 17.33 -12.49
C ARG D 14 -26.16 18.09 -13.54
N PRO D 15 -25.47 18.77 -14.48
CA PRO D 15 -26.11 19.54 -15.57
C PRO D 15 -26.22 18.67 -16.86
N GLY D 16 -25.07 18.00 -17.22
CA GLY D 16 -25.02 17.11 -18.38
C GLY D 16 -24.32 15.78 -17.93
N LEU D 17 -25.03 15.17 -17.00
CA LEU D 17 -25.21 13.66 -17.08
C LEU D 17 -26.70 13.29 -16.71
N GLY D 18 -27.71 13.28 -15.87
CA GLY D 18 -28.43 14.57 -15.58
C GLY D 18 -28.81 14.77 -14.14
N GLU D 19 -28.80 13.62 -13.53
CA GLU D 19 -29.38 13.37 -12.22
C GLU D 19 -28.29 13.59 -11.11
N PRO D 20 -28.65 14.15 -9.92
CA PRO D 20 -27.66 14.77 -9.00
C PRO D 20 -26.82 13.71 -8.17
N ARG D 21 -25.55 14.03 -7.85
CA ARG D 21 -24.71 13.07 -7.14
C ARG D 21 -24.81 13.28 -5.70
N TYR D 22 -25.13 12.18 -5.03
CA TYR D 22 -25.38 12.18 -3.63
C TYR D 22 -24.43 11.21 -2.90
N ILE D 23 -23.83 11.75 -1.84
CA ILE D 23 -22.87 11.05 -0.99
C ILE D 23 -23.32 11.22 0.47
N SER D 24 -23.16 10.18 1.26
CA SER D 24 -23.60 10.20 2.63
C SER D 24 -22.53 9.61 3.52
N VAL D 25 -21.81 10.49 4.24
CA VAL D 25 -20.73 10.04 5.08
C VAL D 25 -20.92 10.20 6.61
N GLY D 26 -20.78 9.05 7.28
CA GLY D 26 -20.92 8.99 8.73
C GLY D 26 -19.54 9.15 9.36
N TYR D 27 -19.46 9.97 10.43
CA TYR D 27 -18.20 10.22 11.17
C TYR D 27 -18.36 9.93 12.61
N VAL D 28 -17.63 8.71 12.84
CA VAL D 28 -17.55 8.49 14.30
C VAL D 28 -16.23 9.12 14.91
N ASP D 29 -15.17 9.85 14.72
CA ASP D 29 -14.43 10.45 15.92
C ASP D 29 -13.90 11.67 15.63
N ASN D 30 -13.27 11.31 14.55
CA ASN D 30 -12.72 11.96 13.58
C ASN D 30 -12.84 11.11 12.34
N LYS D 31 -13.51 10.03 12.66
CA LYS D 31 -13.23 8.85 11.86
C LYS D 31 -14.41 8.60 10.94
N GLU D 32 -14.18 7.91 9.83
CA GLU D 32 -15.27 7.53 8.95
C GLU D 32 -16.22 6.60 9.76
N PHE D 33 -17.20 5.99 9.18
CA PHE D 33 -17.79 4.68 9.56
C PHE D 33 -18.53 4.12 8.40
N VAL D 34 -18.85 5.04 7.57
CA VAL D 34 -19.59 4.69 6.41
C VAL D 34 -19.76 5.86 5.46
N ARG D 35 -19.86 5.46 4.21
CA ARG D 35 -19.98 6.35 3.12
C ARG D 35 -20.84 5.54 2.24
N PHE D 36 -21.40 6.17 1.22
CA PHE D 36 -22.32 5.57 0.28
C PHE D 36 -22.24 6.60 -0.81
N ASP D 37 -22.49 6.21 -2.07
CA ASP D 37 -22.44 7.17 -3.18
C ASP D 37 -23.42 6.71 -4.21
N SER D 38 -24.26 7.62 -4.69
CA SER D 38 -25.24 7.27 -5.71
C SER D 38 -24.55 6.81 -6.98
N ASP D 39 -23.42 7.44 -7.25
CA ASP D 39 -22.59 7.18 -8.43
C ASP D 39 -21.90 5.79 -8.56
N ALA D 40 -21.53 5.24 -7.44
CA ALA D 40 -20.85 3.94 -7.45
C ALA D 40 -21.78 3.01 -8.18
N GLU D 41 -21.16 2.15 -8.98
CA GLU D 41 -21.86 1.18 -9.81
C GLU D 41 -23.21 0.79 -9.18
N ASN D 42 -23.14 0.15 -8.00
CA ASN D 42 -24.31 -0.22 -7.25
C ASN D 42 -24.27 0.57 -5.98
N PRO D 43 -25.16 1.55 -5.85
CA PRO D 43 -25.24 2.38 -4.65
C PRO D 43 -25.75 1.68 -3.38
N ARG D 44 -24.86 1.64 -2.39
CA ARG D 44 -25.13 1.10 -1.08
C ARG D 44 -24.14 1.80 -0.20
N TYR D 45 -24.31 1.53 1.08
CA TYR D 45 -23.46 2.12 2.09
C TYR D 45 -22.44 1.02 2.29
N GLU D 46 -21.21 1.44 2.43
CA GLU D 46 -20.15 0.50 2.64
C GLU D 46 -19.48 0.97 3.88
N PRO D 47 -19.06 0.02 4.71
CA PRO D 47 -18.40 0.10 6.01
C PRO D 47 -17.05 0.66 5.74
N GLN D 48 -16.70 1.66 6.50
CA GLN D 48 -15.44 2.31 6.28
C GLN D 48 -14.46 1.88 7.32
N ALA D 49 -14.86 2.05 8.59
CA ALA D 49 -14.15 1.57 9.76
C ALA D 49 -14.31 0.04 9.59
N PRO D 50 -13.13 -0.82 9.55
CA PRO D 50 -13.19 -2.29 9.35
C PRO D 50 -14.04 -2.97 10.43
N TRP D 51 -14.06 -2.42 11.64
CA TRP D 51 -14.91 -3.03 12.64
C TRP D 51 -16.41 -2.99 12.21
N MET D 52 -16.74 -2.02 11.36
CA MET D 52 -18.08 -1.88 10.82
C MET D 52 -18.55 -3.15 10.11
N GLU D 53 -17.64 -3.99 9.58
CA GLU D 53 -18.01 -5.28 8.92
C GLU D 53 -18.72 -6.17 9.98
N GLN D 54 -18.34 -5.98 11.25
CA GLN D 54 -18.93 -6.75 12.33
C GLN D 54 -20.23 -6.09 12.67
N GLU D 55 -21.02 -5.91 11.61
CA GLU D 55 -22.33 -5.32 11.62
C GLU D 55 -23.14 -6.26 10.78
N GLY D 56 -24.37 -6.53 11.22
CA GLY D 56 -25.23 -7.43 10.46
C GLY D 56 -25.55 -6.71 9.18
N PRO D 57 -26.09 -7.45 8.11
CA PRO D 57 -26.49 -6.96 6.78
C PRO D 57 -27.95 -6.63 6.83
N GLU D 58 -28.51 -6.58 8.05
CA GLU D 58 -29.90 -6.17 8.11
C GLU D 58 -29.63 -4.71 8.22
N TYR D 59 -28.56 -4.37 8.96
CA TYR D 59 -28.13 -2.99 9.18
C TYR D 59 -27.85 -2.33 7.84
N TRP D 60 -27.32 -3.15 6.94
CA TRP D 60 -27.01 -2.66 5.63
C TRP D 60 -28.21 -2.21 4.89
N GLU D 61 -29.24 -3.07 4.80
CA GLU D 61 -30.43 -2.72 4.05
C GLU D 61 -31.25 -1.76 4.79
N ARG D 62 -31.51 -2.13 6.04
CA ARG D 62 -32.30 -1.30 6.91
C ARG D 62 -31.78 0.15 6.52
N ILE D 63 -30.44 0.37 6.57
CA ILE D 63 -29.77 1.67 6.24
C ILE D 63 -29.66 2.13 4.73
N THR D 64 -29.18 1.29 3.82
CA THR D 64 -29.11 1.69 2.39
C THR D 64 -30.50 2.09 1.88
N GLN D 65 -31.52 1.64 2.56
CA GLN D 65 -32.85 1.99 2.17
C GLN D 65 -33.07 3.45 2.57
N ILE D 66 -32.55 3.79 3.74
CA ILE D 66 -32.71 5.15 4.18
C ILE D 66 -31.93 6.06 3.19
N ALA D 67 -31.04 5.48 2.41
CA ALA D 67 -30.26 6.26 1.48
C ALA D 67 -30.96 6.39 0.13
N LYS D 68 -31.48 5.26 -0.35
CA LYS D 68 -32.18 5.20 -1.62
C LYS D 68 -33.25 6.19 -1.47
N GLY D 69 -33.91 6.07 -0.34
CA GLY D 69 -34.97 6.95 0.00
C GLY D 69 -34.56 8.38 0.30
N GLN D 70 -33.43 8.61 0.98
CA GLN D 70 -32.95 9.99 1.32
C GLN D 70 -32.60 10.75 0.03
N GLU D 71 -31.82 10.05 -0.80
CA GLU D 71 -31.38 10.47 -2.11
C GLU D 71 -32.56 11.24 -2.72
N GLN D 72 -33.67 10.54 -2.74
CA GLN D 72 -34.91 11.00 -3.26
C GLN D 72 -35.51 12.33 -2.71
N TRP D 73 -35.02 12.85 -1.61
CA TRP D 73 -35.51 14.15 -1.15
C TRP D 73 -34.65 15.30 -1.77
N PHE D 74 -33.34 15.16 -1.64
CA PHE D 74 -32.34 16.10 -2.10
C PHE D 74 -32.68 16.68 -3.44
N ARG D 75 -33.24 15.84 -4.28
CA ARG D 75 -33.57 16.20 -5.62
C ARG D 75 -34.65 17.17 -5.71
N VAL D 76 -35.67 16.86 -4.95
CA VAL D 76 -36.90 17.62 -4.83
C VAL D 76 -36.63 18.97 -4.11
N ASN D 77 -35.59 19.02 -3.31
CA ASN D 77 -35.26 20.22 -2.57
C ASN D 77 -34.30 21.11 -3.29
N LEU D 78 -33.69 20.51 -4.28
CA LEU D 78 -32.76 21.24 -5.09
C LEU D 78 -33.67 22.11 -6.00
N ARG D 79 -34.69 21.50 -6.60
CA ARG D 79 -35.56 22.26 -7.49
C ARG D 79 -36.43 23.30 -6.80
N THR D 80 -36.87 22.94 -5.61
CA THR D 80 -37.67 23.80 -4.78
C THR D 80 -36.81 25.03 -4.39
N LEU D 81 -35.47 24.89 -4.33
CA LEU D 81 -34.66 26.08 -4.00
C LEU D 81 -34.42 26.96 -5.21
N LEU D 82 -34.52 26.33 -6.37
CA LEU D 82 -34.34 26.96 -7.68
C LEU D 82 -35.34 28.08 -7.90
N GLY D 83 -36.52 27.88 -7.34
CA GLY D 83 -37.60 28.84 -7.43
C GLY D 83 -37.35 30.07 -6.60
N TYR D 84 -37.10 29.89 -5.31
CA TYR D 84 -36.89 31.04 -4.42
C TYR D 84 -35.71 31.84 -4.98
N TYR D 85 -34.61 31.14 -5.18
CA TYR D 85 -33.40 31.77 -5.62
C TYR D 85 -33.34 32.08 -7.13
N ASN D 86 -34.45 31.87 -7.85
CA ASN D 86 -34.53 32.15 -9.31
C ASN D 86 -33.35 31.77 -10.18
N GLN D 87 -33.20 30.49 -10.31
CA GLN D 87 -32.10 30.00 -11.11
C GLN D 87 -32.69 29.16 -12.20
N SER D 88 -31.83 28.83 -13.16
CA SER D 88 -32.16 27.99 -14.29
C SER D 88 -32.01 26.56 -13.80
N ALA D 89 -31.90 25.65 -14.74
CA ALA D 89 -31.76 24.22 -14.45
C ALA D 89 -30.58 23.64 -15.24
N GLY D 90 -29.94 24.48 -16.08
CA GLY D 90 -28.79 24.06 -16.88
C GLY D 90 -27.52 24.34 -16.10
N GLY D 91 -27.66 24.69 -14.85
CA GLY D 91 -26.53 24.95 -13.97
C GLY D 91 -26.37 24.04 -12.75
N THR D 92 -25.17 24.11 -12.18
CA THR D 92 -24.80 23.33 -10.99
C THR D 92 -25.24 23.90 -9.65
N HIS D 93 -25.56 23.02 -8.71
CA HIS D 93 -26.04 23.44 -7.41
C HIS D 93 -25.70 22.46 -6.27
N THR D 94 -25.55 22.96 -5.07
CA THR D 94 -25.11 22.04 -4.04
C THR D 94 -25.78 22.24 -2.71
N LEU D 95 -26.55 21.26 -2.27
CA LEU D 95 -27.20 21.39 -0.99
C LEU D 95 -26.40 20.46 -0.14
N GLN D 96 -25.88 20.96 0.97
CA GLN D 96 -25.08 20.20 1.96
C GLN D 96 -25.83 20.15 3.34
N TRP D 97 -25.62 19.09 4.12
CA TRP D 97 -26.36 18.95 5.35
C TRP D 97 -25.48 18.38 6.42
N MET D 98 -25.62 18.88 7.62
CA MET D 98 -24.84 18.34 8.70
C MET D 98 -25.63 18.12 9.95
N TYR D 99 -25.46 16.94 10.54
CA TYR D 99 -26.16 16.60 11.78
C TYR D 99 -25.43 15.59 12.55
N GLY D 100 -25.78 15.52 13.83
CA GLY D 100 -25.17 14.59 14.76
C GLY D 100 -25.69 14.89 16.13
N CYS D 101 -25.21 14.08 17.05
CA CYS D 101 -25.53 14.04 18.48
C CYS D 101 -24.22 14.42 19.09
N ASP D 102 -24.13 15.50 19.86
CA ASP D 102 -22.84 15.79 20.44
C ASP D 102 -22.56 14.92 21.64
N VAL D 103 -21.86 13.86 21.28
CA VAL D 103 -21.43 12.78 22.16
C VAL D 103 -21.53 12.74 23.71
N GLY D 104 -20.53 13.35 24.39
CA GLY D 104 -20.41 13.35 25.86
C GLY D 104 -19.23 12.49 26.31
N SER D 105 -18.70 12.73 27.53
CA SER D 105 -17.53 11.94 28.03
C SER D 105 -17.89 10.49 28.45
N ASP D 106 -18.95 10.43 29.43
CA ASP D 106 -19.51 9.19 30.05
C ASP D 106 -20.73 8.56 29.42
N GLY D 107 -21.57 9.36 28.78
CA GLY D 107 -22.74 8.78 28.17
C GLY D 107 -23.77 9.78 27.69
N ARG D 108 -23.91 10.91 28.39
CA ARG D 108 -24.87 11.89 27.95
C ARG D 108 -24.35 12.84 26.92
N LEU D 109 -25.31 13.43 26.21
CA LEU D 109 -25.12 14.42 25.15
C LEU D 109 -25.24 15.81 25.72
N LEU D 110 -24.69 16.74 24.97
CA LEU D 110 -24.62 18.10 25.39
C LEU D 110 -25.11 19.00 24.33
N ARG D 111 -24.76 18.57 22.92
CA ARG D 111 -25.15 19.38 21.71
C ARG D 111 -25.84 18.74 20.50
N GLY D 112 -26.88 19.43 20.03
CA GLY D 112 -27.65 18.98 18.87
C GLY D 112 -27.28 19.74 17.60
N TYR D 113 -27.00 19.00 16.56
CA TYR D 113 -26.60 19.62 15.29
C TYR D 113 -27.66 19.30 14.23
N GLU D 114 -27.97 20.29 13.43
CA GLU D 114 -28.93 20.15 12.36
C GLU D 114 -28.77 21.43 11.53
N GLN D 115 -27.87 21.41 10.57
CA GLN D 115 -27.70 22.57 9.74
C GLN D 115 -27.72 22.22 8.25
N PHE D 116 -28.31 23.09 7.47
CA PHE D 116 -28.40 22.94 6.02
C PHE D 116 -27.69 24.16 5.40
N ALA D 117 -27.19 24.00 4.17
CA ALA D 117 -26.48 25.02 3.42
C ALA D 117 -26.87 24.84 1.97
N TYR D 118 -27.20 25.89 1.31
CA TYR D 118 -27.53 25.73 -0.07
C TYR D 118 -26.53 26.57 -0.84
N ASP D 119 -25.95 25.95 -1.85
CA ASP D 119 -24.97 26.60 -2.67
C ASP D 119 -23.92 27.34 -1.78
N GLY D 120 -23.11 26.55 -1.07
CA GLY D 120 -22.05 27.08 -0.23
C GLY D 120 -22.31 27.82 1.07
N CYS D 121 -23.28 28.71 1.13
CA CYS D 121 -23.50 29.39 2.41
C CYS D 121 -24.63 28.66 3.14
N ASP D 122 -24.73 28.84 4.46
CA ASP D 122 -25.76 28.22 5.34
C ASP D 122 -27.18 28.58 4.86
N TYR D 123 -28.12 27.65 4.83
CA TYR D 123 -29.48 28.03 4.40
C TYR D 123 -30.35 28.14 5.62
N ILE D 124 -30.59 27.03 6.15
CA ILE D 124 -31.46 26.82 7.30
C ILE D 124 -30.78 26.00 8.45
N ALA D 125 -30.82 26.51 9.67
CA ALA D 125 -30.25 25.79 10.78
C ALA D 125 -31.02 25.76 12.12
N LEU D 126 -30.93 24.57 12.72
CA LEU D 126 -31.53 24.24 14.01
C LEU D 126 -30.62 24.59 15.14
N ASN D 127 -31.19 25.36 16.05
CA ASN D 127 -30.51 25.90 17.24
C ASN D 127 -30.34 25.01 18.45
N GLU D 128 -29.49 25.19 19.57
CA GLU D 128 -28.51 24.55 20.52
C GLU D 128 -29.09 23.86 21.75
N ASP D 129 -30.33 24.69 21.47
CA ASP D 129 -31.51 24.49 22.37
C ASP D 129 -32.62 23.63 21.66
N LEU D 130 -32.79 22.19 21.36
CA LEU D 130 -32.96 21.88 19.95
C LEU D 130 -34.16 22.47 19.16
N LYS D 131 -35.16 22.92 20.03
CA LYS D 131 -36.32 23.55 19.54
C LYS D 131 -36.02 24.74 18.70
N THR D 132 -35.52 25.59 18.32
CA THR D 132 -35.71 26.80 17.50
C THR D 132 -34.77 26.90 16.31
N TRP D 133 -35.18 27.64 15.25
CA TRP D 133 -34.41 27.82 14.01
C TRP D 133 -33.81 29.21 13.71
N THR D 134 -32.87 29.20 12.77
CA THR D 134 -32.23 30.41 12.30
C THR D 134 -32.08 30.29 10.76
N ALA D 135 -32.75 31.18 9.99
CA ALA D 135 -32.69 31.22 8.51
C ALA D 135 -31.71 32.36 8.14
N ALA D 136 -31.10 32.28 6.97
CA ALA D 136 -30.16 33.33 6.51
C ALA D 136 -30.82 34.46 5.73
N ASP D 137 -31.79 34.14 4.92
CA ASP D 137 -32.39 35.20 4.18
C ASP D 137 -33.83 34.85 3.89
N MET D 138 -34.51 35.83 3.34
CA MET D 138 -35.88 35.69 3.00
C MET D 138 -36.34 34.37 2.35
N ALA D 139 -35.56 33.78 1.35
CA ALA D 139 -36.06 32.57 0.69
C ALA D 139 -35.84 31.43 1.56
N ALA D 140 -34.66 31.41 2.17
CA ALA D 140 -34.31 30.37 3.12
C ALA D 140 -35.28 30.51 4.26
N GLN D 141 -35.70 31.75 4.46
CA GLN D 141 -36.63 32.15 5.50
C GLN D 141 -38.06 31.68 5.14
N ILE D 142 -38.29 31.14 3.94
CA ILE D 142 -39.64 30.64 3.69
C ILE D 142 -39.81 29.23 4.18
N THR D 143 -38.75 28.47 4.12
CA THR D 143 -38.60 27.08 4.65
C THR D 143 -38.82 27.05 6.20
N ARG D 144 -38.46 28.20 6.77
CA ARG D 144 -38.52 28.46 8.15
C ARG D 144 -39.96 28.52 8.64
N ARG D 145 -40.70 29.55 8.33
CA ARG D 145 -42.06 29.61 8.85
C ARG D 145 -42.96 28.43 8.54
N LYS D 146 -42.63 27.66 7.53
CA LYS D 146 -43.46 26.54 7.25
C LYS D 146 -43.06 25.43 8.21
N TRP D 147 -41.84 24.88 8.03
CA TRP D 147 -41.27 23.81 8.85
C TRP D 147 -41.72 23.95 10.26
N GLU D 148 -41.59 25.22 10.68
CA GLU D 148 -41.98 25.82 11.95
C GLU D 148 -43.27 25.10 12.33
N GLN D 149 -44.41 25.58 11.80
CA GLN D 149 -45.70 24.97 12.16
C GLN D 149 -45.61 23.43 12.24
N ALA D 150 -45.36 22.94 11.09
CA ALA D 150 -45.43 21.49 11.08
C ALA D 150 -44.72 20.61 12.18
N GLY D 151 -43.67 21.23 12.82
CA GLY D 151 -43.07 20.25 13.69
C GLY D 151 -41.83 19.53 13.18
N ALA D 152 -40.78 20.35 12.81
CA ALA D 152 -39.59 19.71 12.31
C ALA D 152 -38.70 19.60 13.53
N ALA D 153 -38.65 20.63 14.35
CA ALA D 153 -37.78 20.57 15.54
C ALA D 153 -38.06 19.38 16.41
N GLU D 154 -39.36 19.18 16.64
CA GLU D 154 -39.84 18.07 17.44
C GLU D 154 -39.29 16.69 16.91
N TYR D 155 -39.45 16.48 15.62
CA TYR D 155 -39.07 15.27 14.91
C TYR D 155 -37.58 15.06 14.97
N TYR D 156 -36.82 16.13 14.96
CA TYR D 156 -35.36 16.01 14.99
C TYR D 156 -34.90 15.75 16.45
N ARG D 157 -35.41 16.55 17.41
CA ARG D 157 -35.20 16.52 18.90
C ARG D 157 -35.29 15.03 19.25
N ALA D 158 -36.37 14.47 18.78
CA ALA D 158 -36.65 13.11 19.00
C ALA D 158 -35.43 12.24 18.69
N TYR D 159 -34.98 12.45 17.46
CA TYR D 159 -33.87 11.77 16.89
C TYR D 159 -32.53 12.20 17.42
N LEU D 160 -32.39 13.39 17.93
CA LEU D 160 -31.07 13.69 18.36
C LEU D 160 -30.78 13.20 19.77
N GLU D 161 -31.75 13.05 20.52
CA GLU D 161 -31.60 12.31 21.76
C GLU D 161 -31.74 10.79 21.46
N GLY D 162 -32.15 10.33 20.34
CA GLY D 162 -32.67 8.99 20.55
C GLY D 162 -31.97 7.76 20.02
N GLU D 163 -32.33 7.54 18.74
CA GLU D 163 -31.75 6.56 17.82
C GLU D 163 -30.25 6.83 17.75
N CYS D 164 -30.03 8.03 18.00
CA CYS D 164 -28.75 8.62 17.64
C CYS D 164 -27.48 8.27 18.40
N VAL D 165 -27.72 8.51 19.54
CA VAL D 165 -26.77 8.20 20.61
C VAL D 165 -26.69 6.69 20.92
N GLU D 166 -27.83 5.99 20.90
CA GLU D 166 -27.95 4.49 21.12
C GLU D 166 -26.89 3.96 20.22
N TRP D 167 -27.02 4.40 19.00
CA TRP D 167 -26.17 4.01 17.96
C TRP D 167 -24.73 4.44 18.10
N LEU D 168 -24.54 5.68 18.52
CA LEU D 168 -23.20 6.26 18.73
C LEU D 168 -22.39 5.36 19.68
N HIS D 169 -23.08 5.00 20.76
CA HIS D 169 -22.61 4.15 21.84
C HIS D 169 -22.22 2.78 21.34
N ARG D 170 -22.92 2.35 20.28
CA ARG D 170 -22.70 1.05 19.61
C ARG D 170 -21.36 1.19 19.01
N TYR D 171 -21.28 1.98 17.96
CA TYR D 171 -20.00 2.14 17.27
C TYR D 171 -18.89 2.47 18.28
N LEU D 172 -19.24 3.28 19.28
CA LEU D 172 -18.33 3.65 20.31
C LEU D 172 -17.72 2.42 21.01
N LYS D 173 -18.53 1.43 21.35
CA LYS D 173 -18.02 0.19 21.94
C LYS D 173 -17.55 -0.82 20.85
N ASN D 174 -18.07 -0.64 19.63
CA ASN D 174 -17.67 -1.70 18.70
C ASN D 174 -16.60 -1.08 17.82
N GLY D 175 -16.12 -0.18 18.71
CA GLY D 175 -15.19 0.56 17.93
C GLY D 175 -13.79 0.41 18.48
N ASN D 176 -13.61 0.02 20.01
CA ASN D 176 -12.74 1.09 20.49
C ASN D 176 -11.22 1.17 20.27
N ALA D 177 -10.85 -0.21 20.01
CA ALA D 177 -9.50 -0.72 19.96
C ALA D 177 -8.70 -0.04 18.82
N THR D 178 -9.70 0.10 17.78
CA THR D 178 -9.40 0.92 16.63
C THR D 178 -9.58 2.44 16.87
N LEU D 179 -10.56 3.05 17.32
CA LEU D 179 -10.52 4.50 17.59
C LEU D 179 -9.36 4.99 18.53
N LEU D 180 -8.76 4.22 19.35
CA LEU D 180 -7.73 4.76 20.22
C LEU D 180 -6.42 5.05 19.41
N ARG D 181 -6.12 4.60 18.30
CA ARG D 181 -4.67 4.39 18.06
C ARG D 181 -3.90 5.70 18.20
N THR D 182 -2.74 5.40 17.68
CA THR D 182 -2.20 6.74 17.41
C THR D 182 -0.78 6.65 16.89
N ASP D 183 -0.18 7.59 16.35
CA ASP D 183 1.13 7.59 15.72
C ASP D 183 2.05 8.71 16.16
N SER D 184 3.25 8.30 16.56
CA SER D 184 4.26 9.21 17.03
C SER D 184 4.89 9.96 15.84
N PRO D 185 5.06 11.31 15.91
CA PRO D 185 5.70 12.02 14.81
C PRO D 185 7.08 11.47 14.52
N LYS D 186 7.31 11.36 13.34
CA LYS D 186 8.63 10.91 13.00
C LYS D 186 9.20 12.20 12.44
N ALA D 187 9.97 12.85 13.30
CA ALA D 187 10.53 14.14 13.00
C ALA D 187 11.95 14.26 12.53
N HIS D 188 12.32 15.54 12.33
CA HIS D 188 13.63 16.06 11.86
C HIS D 188 13.61 17.48 11.30
N VAL D 189 14.79 17.88 10.85
CA VAL D 189 15.03 19.18 10.23
C VAL D 189 15.90 19.16 8.95
N THR D 190 15.80 20.23 8.19
CA THR D 190 16.52 20.31 6.92
C THR D 190 16.96 21.72 6.66
N HIS D 191 18.23 21.82 6.27
CA HIS D 191 18.83 23.09 5.96
C HIS D 191 18.66 23.32 4.43
N HIS D 192 18.36 24.55 4.02
CA HIS D 192 18.19 24.72 2.59
C HIS D 192 18.94 25.86 1.95
N PRO D 193 18.98 25.56 0.65
CA PRO D 193 19.52 26.46 -0.39
C PRO D 193 18.59 27.69 -0.28
N ARG D 194 19.28 28.62 0.64
CA ARG D 194 18.36 29.74 0.80
C ARG D 194 19.10 31.05 1.04
N SER D 195 18.42 32.10 0.62
CA SER D 195 18.65 33.47 1.08
C SER D 195 19.96 33.83 0.69
N LYS D 196 20.44 34.61 1.48
CA LYS D 196 21.19 35.60 1.01
C LYS D 196 22.69 35.10 0.87
N GLY D 197 22.81 34.31 1.90
CA GLY D 197 23.10 33.87 3.34
C GLY D 197 21.85 33.99 4.15
N GLU D 198 20.90 33.20 4.30
CA GLU D 198 19.93 33.01 5.34
C GLU D 198 19.39 31.66 4.94
N VAL D 199 19.86 30.63 5.57
CA VAL D 199 19.43 29.27 5.31
C VAL D 199 17.99 29.11 5.77
N THR D 200 17.18 28.37 5.01
CA THR D 200 15.81 28.11 5.49
C THR D 200 15.94 26.70 6.09
N LEU D 201 15.46 26.54 7.32
CA LEU D 201 15.55 25.21 7.94
C LEU D 201 14.23 24.68 8.43
N ARG D 202 13.90 23.47 8.06
CA ARG D 202 12.57 22.96 8.47
C ARG D 202 12.33 21.66 9.23
N CYS D 203 11.45 21.79 10.22
CA CYS D 203 11.03 20.73 11.12
C CYS D 203 9.84 19.98 10.50
N TRP D 204 10.12 18.79 10.07
CA TRP D 204 9.10 18.00 9.42
C TRP D 204 8.62 16.87 10.37
N ALA D 205 7.30 16.83 10.38
CA ALA D 205 6.64 15.89 11.31
C ALA D 205 6.94 14.45 10.90
N LEU D 206 7.05 13.69 9.83
CA LEU D 206 6.32 13.40 8.58
C LEU D 206 5.85 11.96 8.59
N GLY D 207 4.64 11.77 8.90
CA GLY D 207 3.31 11.19 9.07
C GLY D 207 3.12 10.69 10.60
N PHE D 208 2.10 11.31 11.31
CA PHE D 208 1.66 10.93 12.76
C PHE D 208 0.22 10.87 12.83
N TYR D 209 -0.15 9.86 13.55
CA TYR D 209 -1.44 9.78 14.06
C TYR D 209 -1.73 10.96 14.81
N PRO D 210 -2.93 11.31 15.19
CA PRO D 210 -4.07 11.83 14.64
C PRO D 210 -4.01 13.35 14.80
N ALA D 211 -4.56 14.20 13.98
CA ALA D 211 -4.13 15.34 13.26
C ALA D 211 -3.33 16.42 14.02
N ASP D 212 -3.91 16.19 15.15
CA ASP D 212 -3.43 17.23 16.08
C ASP D 212 -2.04 17.19 16.72
N ILE D 213 -1.23 18.15 16.28
CA ILE D 213 0.16 18.46 16.69
C ILE D 213 0.40 19.93 16.35
N THR D 214 1.30 20.49 17.09
CA THR D 214 1.72 21.84 16.89
C THR D 214 3.22 21.70 17.15
N LEU D 215 4.05 22.44 16.42
CA LEU D 215 5.51 22.36 16.63
C LEU D 215 6.21 23.74 16.58
N THR D 216 7.02 24.04 17.61
CA THR D 216 7.65 25.37 17.70
C THR D 216 9.17 25.48 17.83
N TRP D 217 9.72 26.60 17.37
CA TRP D 217 11.15 26.79 17.49
C TRP D 217 11.54 27.78 18.51
N GLN D 218 12.72 27.46 18.98
CA GLN D 218 13.40 28.10 20.03
C GLN D 218 14.62 28.80 19.59
N LEU D 219 14.79 29.93 19.98
CA LEU D 219 15.92 30.77 19.56
C LEU D 219 17.18 30.02 19.94
N ASN D 220 17.24 30.21 21.21
CA ASN D 220 17.60 29.23 22.21
C ASN D 220 16.70 29.43 23.43
N GLY D 221 16.29 30.68 23.55
CA GLY D 221 15.61 31.22 24.75
C GLY D 221 14.07 31.19 24.55
N GLU D 222 13.65 31.68 23.36
CA GLU D 222 12.24 31.88 23.05
C GLU D 222 11.72 31.05 21.87
N GLU D 223 10.38 30.90 21.93
CA GLU D 223 9.52 30.29 20.89
C GLU D 223 9.08 31.37 19.93
N LEU D 224 9.59 31.24 18.73
CA LEU D 224 9.73 32.36 17.81
C LEU D 224 8.44 33.01 17.37
N THR D 225 7.39 32.55 17.91
CA THR D 225 6.25 32.28 17.10
C THR D 225 5.41 33.31 16.95
N GLN D 226 6.09 34.27 17.00
CA GLN D 226 5.67 35.35 16.48
C GLN D 226 6.26 35.56 15.01
N ASP D 227 6.73 34.41 14.40
CA ASP D 227 7.62 34.42 13.15
C ASP D 227 7.09 33.12 12.28
N MET D 228 7.23 32.84 11.02
CA MET D 228 6.03 32.60 10.02
C MET D 228 5.83 31.01 9.63
N GLU D 229 6.50 30.37 8.69
CA GLU D 229 6.04 29.00 8.03
C GLU D 229 5.88 27.86 9.01
N LEU D 230 4.97 27.31 8.44
CA LEU D 230 4.43 26.06 8.84
C LEU D 230 3.63 25.65 7.64
N VAL D 231 2.91 24.63 7.83
CA VAL D 231 2.06 24.23 6.76
C VAL D 231 0.81 23.63 7.39
N GLU D 232 -0.29 23.64 6.65
CA GLU D 232 -1.64 23.12 6.96
C GLU D 232 -1.43 21.66 7.15
N THR D 233 -1.96 21.09 8.19
CA THR D 233 -1.59 19.74 8.48
C THR D 233 -2.17 18.92 7.36
N ARG D 234 -1.38 18.39 6.51
CA ARG D 234 -1.85 17.67 5.32
C ARG D 234 -1.95 16.17 5.61
N PRO D 235 -2.86 15.42 4.94
CA PRO D 235 -2.76 13.97 4.91
C PRO D 235 -1.57 13.48 4.22
N ALA D 236 -1.68 12.19 3.92
CA ALA D 236 -0.59 11.38 3.44
C ALA D 236 -1.10 10.29 2.56
N GLY D 237 -0.62 9.16 2.15
CA GLY D 237 -2.03 9.29 2.47
C GLY D 237 -2.55 7.93 2.61
N ASP D 238 -1.39 7.32 3.15
CA ASP D 238 -1.67 6.29 4.09
C ASP D 238 -2.32 7.27 5.04
N GLY D 239 -2.79 6.67 6.22
CA GLY D 239 -3.72 7.43 7.03
C GLY D 239 -3.15 8.23 8.16
N THR D 240 -2.04 8.90 7.85
CA THR D 240 -1.26 9.71 8.77
C THR D 240 -1.19 11.11 8.21
N PHE D 241 -0.44 11.97 8.91
CA PHE D 241 -0.32 13.37 8.51
C PHE D 241 1.06 13.91 8.55
N GLN D 242 1.21 15.07 7.94
CA GLN D 242 2.48 15.73 7.86
C GLN D 242 2.31 17.20 8.01
N LYS D 243 3.25 17.78 8.73
CA LYS D 243 3.28 19.19 8.98
C LYS D 243 4.74 19.61 8.93
N TRP D 244 5.01 20.82 8.45
CA TRP D 244 6.35 21.34 8.42
C TRP D 244 6.14 22.80 8.84
N ALA D 245 7.08 23.33 9.65
CA ALA D 245 7.08 24.70 10.13
C ALA D 245 8.54 25.13 10.09
N SER D 246 8.82 26.39 9.78
CA SER D 246 10.20 26.82 9.64
C SER D 246 10.56 28.27 9.84
N VAL D 247 11.89 28.46 9.80
CA VAL D 247 12.56 29.75 9.98
C VAL D 247 13.77 30.08 9.12
N VAL D 248 14.18 31.31 9.25
CA VAL D 248 15.35 31.80 8.59
C VAL D 248 16.53 31.85 9.62
N VAL D 249 17.74 31.64 9.15
CA VAL D 249 18.88 31.59 10.08
C VAL D 249 20.10 32.25 9.50
N PRO D 250 20.86 32.83 10.32
CA PRO D 250 22.05 33.42 9.64
C PRO D 250 22.94 32.34 8.89
N LEU D 251 24.05 32.72 8.23
CA LEU D 251 24.80 31.69 7.49
C LEU D 251 25.87 30.98 8.25
N GLY D 252 25.67 29.70 8.53
CA GLY D 252 26.35 29.31 9.72
C GLY D 252 25.81 30.34 10.72
N LYS D 253 24.71 30.42 11.34
CA LYS D 253 24.47 31.01 12.64
C LYS D 253 23.48 30.05 13.17
N GLU D 254 24.11 29.06 13.58
CA GLU D 254 23.42 27.86 13.90
C GLU D 254 22.62 28.10 15.20
N GLN D 255 23.03 29.08 16.06
CA GLN D 255 23.78 29.50 17.35
C GLN D 255 23.16 28.82 18.52
N ASN D 256 21.91 28.62 18.05
CA ASN D 256 21.03 28.41 19.15
C ASN D 256 19.78 27.74 18.82
N TYR D 257 19.18 27.20 17.58
CA TYR D 257 17.75 27.39 17.37
C TYR D 257 17.25 26.00 17.59
N THR D 258 16.19 25.90 18.39
CA THR D 258 15.71 24.58 18.65
C THR D 258 14.26 24.54 18.16
N CYS D 259 13.62 23.38 18.39
CA CYS D 259 12.21 23.07 18.09
C CYS D 259 11.55 21.98 19.04
N ARG D 260 10.28 22.21 19.41
CA ARG D 260 9.50 21.30 20.25
C ARG D 260 8.30 20.74 19.48
N VAL D 261 8.23 19.43 19.46
CA VAL D 261 7.12 18.81 18.79
C VAL D 261 6.10 18.38 19.88
N TYR D 262 4.76 18.70 19.67
CA TYR D 262 3.66 18.37 20.60
C TYR D 262 2.54 17.54 19.97
N HIS D 263 2.59 16.27 20.28
CA HIS D 263 1.60 15.39 19.77
C HIS D 263 1.18 14.28 20.72
N GLU D 264 -0.03 14.75 21.54
CA GLU D 264 -0.31 13.60 22.36
C GLU D 264 -1.04 12.46 21.66
N GLY D 265 0.10 11.94 21.41
CA GLY D 265 0.52 10.58 21.06
C GLY D 265 1.97 10.41 21.30
N LEU D 266 2.46 11.22 22.23
CA LEU D 266 3.88 11.42 22.33
C LEU D 266 4.38 12.12 23.62
N PRO D 267 5.24 11.72 24.50
CA PRO D 267 5.64 12.46 25.70
C PRO D 267 6.96 13.33 25.42
N GLU D 268 6.85 14.44 24.69
CA GLU D 268 8.04 15.26 24.45
C GLU D 268 8.19 16.36 25.55
N ILE E 1 -21.85 31.95 -3.18
CA ILE E 1 -20.40 32.35 -3.17
C ILE E 1 -19.62 31.08 -3.61
N GLN E 2 -18.47 31.26 -4.26
CA GLN E 2 -17.69 30.13 -4.85
C GLN E 2 -16.23 30.29 -4.54
N LYS E 3 -15.59 29.18 -4.28
CA LYS E 3 -14.26 29.19 -3.70
C LYS E 3 -13.21 28.80 -4.72
N THR E 4 -12.11 29.49 -4.58
CA THR E 4 -10.90 29.23 -5.34
C THR E 4 -9.95 28.34 -4.50
N PRO E 5 -9.61 27.11 -4.95
CA PRO E 5 -8.92 26.11 -4.10
C PRO E 5 -7.53 26.55 -3.75
N GLN E 6 -6.95 25.73 -2.86
CA GLN E 6 -5.56 25.85 -2.40
C GLN E 6 -4.84 24.55 -2.58
N ILE E 7 -3.77 24.56 -3.38
CA ILE E 7 -3.16 23.27 -3.67
C ILE E 7 -1.83 23.08 -2.96
N GLN E 8 -1.36 21.83 -2.88
CA GLN E 8 -0.11 21.49 -2.24
C GLN E 8 0.36 20.24 -2.91
N VAL E 9 1.59 20.20 -3.33
CA VAL E 9 2.06 19.03 -4.00
C VAL E 9 3.12 18.39 -3.13
N TYR E 10 3.11 17.06 -3.00
CA TYR E 10 4.03 16.50 -2.05
C TYR E 10 4.49 15.03 -1.94
N SER E 11 5.73 14.89 -1.55
CA SER E 11 6.33 13.63 -1.34
C SER E 11 5.63 12.94 -0.11
N ARG E 12 4.95 11.82 -0.41
CA ARG E 12 4.22 10.98 0.51
C ARG E 12 5.14 10.31 1.50
N HIS E 13 6.39 10.17 1.06
CA HIS E 13 7.50 9.58 1.83
C HIS E 13 8.57 10.50 1.41
N PRO E 14 9.63 10.69 2.23
CA PRO E 14 10.62 11.61 1.69
C PRO E 14 11.24 11.09 0.37
N PRO E 15 11.47 12.03 -0.59
CA PRO E 15 12.08 11.70 -1.87
C PRO E 15 13.56 11.40 -1.64
N GLU E 16 14.01 10.41 -2.37
CA GLU E 16 15.41 10.02 -2.35
C GLU E 16 15.39 9.72 -3.80
N ASN E 17 16.18 10.64 -4.67
CA ASN E 17 15.78 10.47 -6.06
C ASN E 17 16.47 9.41 -6.63
N GLY E 18 15.46 8.44 -6.88
CA GLY E 18 15.77 7.41 -7.62
C GLY E 18 16.04 6.10 -6.66
N LYS E 19 14.84 5.87 -6.12
CA LYS E 19 13.90 4.79 -5.42
C LYS E 19 12.48 5.26 -5.55
N PRO E 20 11.27 4.69 -5.33
CA PRO E 20 9.90 5.30 -5.52
C PRO E 20 9.42 6.24 -4.43
N ASN E 21 8.19 6.67 -4.65
CA ASN E 21 7.53 7.61 -3.76
C ASN E 21 6.17 7.91 -4.32
N ILE E 22 5.32 8.42 -3.47
CA ILE E 22 4.00 8.76 -3.90
C ILE E 22 3.91 10.27 -3.99
N LEU E 23 3.09 10.72 -4.93
CA LEU E 23 2.89 12.13 -5.12
C LEU E 23 1.44 12.43 -4.82
N ASN E 24 1.23 13.45 -4.02
CA ASN E 24 -0.10 13.77 -3.65
C ASN E 24 -0.49 15.15 -4.17
N CYS E 25 -1.71 15.26 -4.70
CA CYS E 25 -2.17 16.58 -5.06
C CYS E 25 -3.27 16.78 -4.03
N TYR E 26 -3.02 17.68 -3.10
CA TYR E 26 -3.96 17.94 -2.05
C TYR E 26 -4.67 19.28 -2.28
N VAL E 27 -5.91 19.18 -2.75
CA VAL E 27 -6.75 20.31 -3.12
C VAL E 27 -7.83 20.59 -2.10
N THR E 28 -7.75 21.77 -1.51
CA THR E 28 -8.63 22.16 -0.43
C THR E 28 -9.52 23.35 -0.69
N GLN E 29 -10.51 23.54 0.01
CA GLN E 29 -11.46 24.62 0.37
C GLN E 29 -11.98 25.44 -0.76
N PHE E 30 -12.89 24.80 -1.42
CA PHE E 30 -13.50 25.19 -2.67
C PHE E 30 -14.99 24.82 -2.73
N HIS E 31 -15.68 25.55 -3.61
CA HIS E 31 -17.10 25.33 -3.96
C HIS E 31 -17.57 25.82 -5.15
N PRO E 32 -17.61 24.99 -6.05
CA PRO E 32 -18.56 23.90 -6.03
C PRO E 32 -17.80 22.56 -6.10
N PRO E 33 -18.14 21.36 -5.74
CA PRO E 33 -17.43 20.08 -5.81
C PRO E 33 -17.16 19.49 -7.24
N HIS E 34 -16.92 20.35 -8.22
CA HIS E 34 -16.57 19.92 -9.56
C HIS E 34 -15.11 20.34 -9.67
N ILE E 35 -14.18 19.40 -9.77
CA ILE E 35 -12.77 19.75 -9.85
C ILE E 35 -11.93 19.00 -10.88
N GLU E 36 -11.06 19.61 -11.58
CA GLU E 36 -10.22 18.85 -12.50
C GLU E 36 -8.80 18.90 -11.94
N ILE E 37 -8.15 17.74 -11.91
CA ILE E 37 -6.80 17.60 -11.39
C ILE E 37 -6.01 16.78 -12.42
N GLN E 38 -5.07 17.45 -13.06
CA GLN E 38 -4.22 16.82 -14.06
C GLN E 38 -2.80 16.76 -13.43
N MET E 39 -2.28 15.58 -13.18
CA MET E 39 -0.92 15.59 -12.68
C MET E 39 -0.06 15.40 -13.95
N LEU E 40 1.16 15.96 -13.92
CA LEU E 40 2.02 16.02 -15.11
C LEU E 40 3.47 15.57 -14.75
N LYS E 41 4.01 14.73 -15.58
CA LYS E 41 5.43 14.28 -15.43
C LYS E 41 6.28 15.38 -15.62
N ASN E 42 6.64 15.43 -16.89
CA ASN E 42 7.37 16.49 -17.28
C ASN E 42 6.43 17.72 -17.55
N GLY E 43 5.96 17.36 -18.68
CA GLY E 43 5.11 18.38 -19.27
C GLY E 43 3.72 17.78 -19.59
N LYS E 44 3.57 16.47 -19.50
CA LYS E 44 2.28 15.86 -19.86
C LYS E 44 1.35 15.26 -18.77
N LYS E 45 0.28 14.69 -19.20
CA LYS E 45 -0.67 14.04 -18.34
C LYS E 45 0.01 12.76 -17.79
N ILE E 46 -0.52 12.32 -16.69
CA ILE E 46 0.00 11.21 -15.94
C ILE E 46 -0.81 9.96 -15.91
N PRO E 47 -0.55 8.61 -16.36
CA PRO E 47 -1.99 8.48 -16.55
C PRO E 47 -2.83 8.81 -15.30
N LYS E 48 -2.31 8.02 -14.27
CA LYS E 48 -2.77 7.12 -13.20
C LYS E 48 -3.04 7.86 -11.89
N VAL E 49 -4.39 8.06 -12.18
CA VAL E 49 -4.79 9.10 -11.22
C VAL E 49 -5.84 8.66 -10.22
N GLU E 50 -5.35 8.38 -8.99
CA GLU E 50 -6.16 7.94 -7.84
C GLU E 50 -6.75 9.17 -7.18
N MET E 51 -8.08 9.35 -7.15
CA MET E 51 -8.71 10.50 -6.48
C MET E 51 -9.59 10.19 -5.27
N SER E 52 -8.91 10.02 -4.16
CA SER E 52 -9.41 9.68 -2.84
C SER E 52 -10.57 10.49 -2.21
N ASP E 53 -11.58 9.97 -1.46
CA ASP E 53 -12.87 10.57 -2.02
C ASP E 53 -13.36 11.96 -1.62
N MET E 54 -14.56 12.50 -1.94
CA MET E 54 -14.91 13.85 -1.40
C MET E 54 -15.57 13.99 -0.02
N SER E 55 -14.94 14.79 0.78
CA SER E 55 -15.50 15.02 2.05
C SER E 55 -15.61 16.51 1.96
N PHE E 56 -16.36 17.07 2.79
CA PHE E 56 -16.47 18.51 2.74
C PHE E 56 -16.29 18.79 4.22
N SER E 57 -15.96 20.00 4.60
CA SER E 57 -15.76 20.32 6.02
C SER E 57 -16.78 21.34 6.59
N LYS E 58 -16.68 21.64 7.90
CA LYS E 58 -17.60 22.56 8.58
C LYS E 58 -17.95 23.95 7.99
N ASP E 59 -17.23 24.41 6.98
CA ASP E 59 -17.56 25.69 6.36
C ASP E 59 -18.15 25.35 4.97
N TRP E 60 -18.54 24.08 4.90
CA TRP E 60 -19.14 23.44 3.75
C TRP E 60 -18.14 23.21 2.62
N SER E 61 -16.90 23.63 2.80
CA SER E 61 -15.89 23.47 1.79
C SER E 61 -15.52 22.03 1.46
N PHE E 62 -15.28 21.76 0.18
CA PHE E 62 -14.91 20.43 -0.25
C PHE E 62 -13.42 20.19 -0.27
N TYR E 63 -13.03 18.97 -0.59
CA TYR E 63 -11.60 18.57 -0.66
C TYR E 63 -11.43 17.13 -0.98
N ILE E 64 -10.37 16.83 -1.69
CA ILE E 64 -10.11 15.49 -2.15
C ILE E 64 -8.61 15.25 -2.21
N LEU E 65 -8.22 13.99 -2.06
CA LEU E 65 -6.84 13.64 -2.15
C LEU E 65 -6.53 12.94 -3.55
N ALA E 66 -5.84 13.67 -4.43
CA ALA E 66 -5.48 13.21 -5.78
C ALA E 66 -4.07 12.68 -5.66
N HIS E 67 -3.64 11.74 -6.50
CA HIS E 67 -2.29 11.21 -6.35
C HIS E 67 -1.74 10.05 -7.18
N THR E 68 -0.48 10.16 -7.60
CA THR E 68 0.16 9.10 -8.39
C THR E 68 1.55 8.51 -7.93
N GLU E 69 2.29 7.97 -8.88
CA GLU E 69 3.56 7.28 -8.61
C GLU E 69 4.77 7.87 -9.32
N PHE E 70 5.90 8.03 -8.67
CA PHE E 70 7.08 8.59 -9.31
C PHE E 70 8.44 8.27 -8.74
N THR E 71 9.40 8.03 -9.66
CA THR E 71 10.79 7.83 -9.29
C THR E 71 11.33 9.29 -9.37
N PRO E 72 11.42 10.00 -8.22
CA PRO E 72 11.91 11.39 -8.11
C PRO E 72 13.22 11.55 -8.89
N THR E 73 13.54 12.73 -9.37
CA THR E 73 14.75 12.76 -10.18
C THR E 73 15.68 13.93 -10.04
N GLU E 74 16.69 13.90 -10.89
CA GLU E 74 17.63 15.00 -10.99
C GLU E 74 16.95 15.82 -12.04
N THR E 75 16.51 15.04 -13.04
CA THR E 75 15.81 15.47 -14.24
C THR E 75 14.34 16.05 -14.23
N ASP E 76 13.33 15.16 -14.13
CA ASP E 76 11.88 15.53 -14.28
C ASP E 76 11.08 16.48 -13.40
N THR E 77 10.34 17.40 -14.01
CA THR E 77 9.46 18.25 -13.21
C THR E 77 8.08 17.62 -13.24
N TYR E 78 7.43 17.50 -12.07
CA TYR E 78 6.04 17.01 -12.06
C TYR E 78 5.19 18.11 -11.44
N ALA E 79 3.94 18.21 -11.82
CA ALA E 79 3.08 19.21 -11.31
C ALA E 79 1.63 18.75 -11.35
N CYS E 80 0.80 19.54 -10.68
CA CYS E 80 -0.60 19.33 -10.59
C CYS E 80 -1.24 20.52 -11.24
N ARG E 81 -2.45 20.31 -11.73
CA ARG E 81 -3.22 21.30 -12.41
C ARG E 81 -4.67 21.12 -12.11
N VAL E 82 -5.25 22.20 -11.62
CA VAL E 82 -6.62 22.13 -11.22
C VAL E 82 -7.54 23.05 -11.99
N LYS E 83 -8.38 22.48 -12.83
CA LYS E 83 -9.32 23.27 -13.53
C LYS E 83 -10.47 23.34 -12.50
N HIS E 84 -11.08 24.50 -12.27
CA HIS E 84 -12.24 24.57 -11.36
C HIS E 84 -12.95 25.79 -11.76
N ASP E 85 -14.26 25.75 -11.77
CA ASP E 85 -15.10 26.87 -12.17
C ASP E 85 -15.00 28.20 -11.39
N SER E 86 -14.22 28.23 -10.33
CA SER E 86 -14.09 29.45 -9.62
C SER E 86 -12.98 30.25 -10.28
N MET E 87 -11.96 29.54 -10.76
CA MET E 87 -10.79 30.16 -11.36
C MET E 87 -11.06 30.50 -12.81
N ALA E 88 -10.65 31.67 -13.29
CA ALA E 88 -10.84 31.98 -14.72
C ALA E 88 -10.08 30.92 -15.56
N GLU E 89 -8.75 30.98 -15.61
CA GLU E 89 -8.03 29.93 -16.33
C GLU E 89 -7.29 29.10 -15.22
N PRO E 90 -6.76 27.88 -15.50
CA PRO E 90 -6.08 27.04 -14.50
C PRO E 90 -4.91 27.39 -13.62
N LYS E 91 -4.69 26.47 -12.67
CA LYS E 91 -3.65 26.52 -11.67
C LYS E 91 -2.75 25.27 -11.86
N THR E 92 -1.47 25.49 -12.08
CA THR E 92 -0.52 24.41 -12.21
C THR E 92 0.48 24.72 -11.11
N VAL E 93 0.71 23.75 -10.23
CA VAL E 93 1.57 23.93 -9.09
C VAL E 93 2.67 22.91 -9.15
N TYR E 94 3.89 23.25 -8.75
CA TYR E 94 5.05 22.35 -8.81
C TYR E 94 5.44 21.62 -7.56
N TRP E 95 5.98 20.40 -7.70
CA TRP E 95 6.47 19.65 -6.53
C TRP E 95 7.83 20.22 -6.29
N ASP E 96 8.07 20.76 -5.10
CA ASP E 96 9.41 21.31 -4.74
C ASP E 96 9.93 20.41 -3.64
N ARG E 97 11.15 19.90 -3.83
CA ARG E 97 11.82 18.98 -2.87
C ARG E 97 11.93 19.46 -1.43
N ASP E 98 11.83 20.76 -1.21
CA ASP E 98 11.96 21.30 0.14
C ASP E 98 10.65 21.53 0.83
N MET E 99 9.61 21.74 0.05
CA MET E 99 8.30 21.94 0.62
C MET E 99 7.70 20.56 0.49
N TYR F 1 -26.44 5.66 12.25
CA TYR F 1 -27.78 5.52 11.69
C TYR F 1 -28.29 6.89 11.28
N PRO F 2 -28.50 7.13 9.98
CA PRO F 2 -28.98 8.45 9.58
C PRO F 2 -30.47 8.51 9.89
N ASN F 3 -31.14 9.57 9.46
CA ASN F 3 -32.55 9.67 9.76
C ASN F 3 -33.29 10.25 8.61
N VAL F 4 -34.48 9.67 8.40
CA VAL F 4 -35.39 10.04 7.35
C VAL F 4 -35.67 11.51 7.52
N ASN F 5 -35.66 12.12 6.38
CA ASN F 5 -35.82 13.52 6.16
C ASN F 5 -37.25 14.10 6.25
N ILE F 6 -38.17 13.55 5.69
CA ILE F 6 -39.58 13.76 6.02
C ILE F 6 -40.22 15.12 6.32
N HIS F 7 -39.64 16.10 5.68
CA HIS F 7 -40.41 17.26 5.34
C HIS F 7 -39.70 18.15 4.42
N ASN F 8 -40.38 18.41 3.29
CA ASN F 8 -39.90 19.22 2.18
C ASN F 8 -39.46 20.60 2.44
N PHE F 9 -38.72 21.13 1.48
CA PHE F 9 -38.14 22.48 1.65
C PHE F 9 -38.91 23.81 1.64
#